data_3UM5
#
_entry.id   3UM5
#
_cell.length_a   56.529
_cell.length_b   155.119
_cell.length_c   165.257
_cell.angle_alpha   90.00
_cell.angle_beta   90.00
_cell.angle_gamma   90.00
#
_symmetry.space_group_name_H-M   'P 21 21 21'
#
loop_
_entity.id
_entity.type
_entity.pdbx_description
1 polymer 'Bifunctional dihydrofolate reductase-thymidylate synthase'
2 non-polymer 5-(4-CHLORO-PHENYL)-6-ETHYL-PYRIMIDINE-2,4-DIAMINE
3 non-polymer 'NADPH DIHYDRO-NICOTINAMIDE-ADENINE-DINUCLEOTIDE PHOSPHATE'
4 non-polymer "2'-DEOXYURIDINE 5'-MONOPHOSPHATE"
5 water water
#
_entity_poly.entity_id   1
_entity_poly.type   'polypeptide(L)'
_entity_poly.pdbx_seq_one_letter_code
;MMEQVCDVFDIYAICVCCKVESKNEGKKNEVFNNYTFRGLGNKGVLPWKCNSLDMKYFCAVTTYVNESKYEKLKYKRCKY
LNKETVDNVNDMPNSKKLQNVVVMGRTTWESIPKKFKPLSNRINVILSRTLKKEDFDEDVYIINKVEDLIVLLGKLNYYK
CFIIGGSVVYQEFLEKKLIKKIYFTRINSTYECDVFFPEINENEYQIISVSDVYTSNNTTLDFIIYKKTNNKMLNEQNCI
KGEEKNNDMPLKNDDKDTCHMKKLTEFYKNVDKYKINYENDDDDEEEDDFVYFNFNKEKEEKNKNSIHPNDFQIYNSLKY
KYHPEYQYLNIIYDIMMNGNKQSDRTGVGVLSKFGYIMKFDLSQYFPLLTTKKLFLRGIIEELLWFIRGETNGNTLLNKN
VRIWEANGTREFLDNRKLFHREVNDLGPIYGFQWRHFGAEYTNMYDNYENKGVDQLKNIINLIKNDPTSRRILLCAWNVK
DLDQMALPPCHILCQFYVFDGKLSCIMYQRSCDLGLGVPFNIASYSIFTHMIAQVCNLQPAQFIHVLGNAHVYNNHIDSL
KIQLNRIPYPFPTLKLNPDIKNIEDFTISDFTIQNYVHHEKISMDMAA
;
_entity_poly.pdbx_strand_id   A,B
#
loop_
_chem_comp.id
_chem_comp.type
_chem_comp.name
_chem_comp.formula
CP6 non-polymer 5-(4-CHLORO-PHENYL)-6-ETHYL-PYRIMIDINE-2,4-DIAMINE 'C12 H13 Cl N4'
NDP non-polymer 'NADPH DIHYDRO-NICOTINAMIDE-ADENINE-DINUCLEOTIDE PHOSPHATE' 'C21 H30 N7 O17 P3'
UMP non-polymer '2'-DEOXYURIDINE 5'-MONOPHOSPHATE' 'C9 H13 N2 O8 P'
#
# COMPACT_ATOMS: atom_id res chain seq x y z
N MET A 1 21.20 -21.04 29.29
CA MET A 1 20.30 -22.24 29.29
C MET A 1 19.42 -22.24 30.53
N MET A 2 19.41 -21.11 31.23
CA MET A 2 18.61 -20.96 32.44
C MET A 2 17.12 -20.88 32.06
N GLU A 3 16.45 -22.03 32.06
CA GLU A 3 15.04 -22.09 31.71
C GLU A 3 14.22 -21.26 32.69
N GLN A 4 13.47 -20.29 32.16
CA GLN A 4 12.67 -19.41 32.99
C GLN A 4 11.23 -19.91 33.17
N VAL A 5 10.77 -19.92 34.41
CA VAL A 5 9.43 -20.39 34.78
C VAL A 5 8.31 -19.82 33.92
N CYS A 6 8.35 -18.52 33.65
CA CYS A 6 7.32 -17.88 32.85
C CYS A 6 7.33 -18.36 31.40
N ASP A 7 8.48 -18.84 30.93
CA ASP A 7 8.59 -19.33 29.56
C ASP A 7 8.08 -20.76 29.48
N VAL A 8 8.52 -21.60 30.42
CA VAL A 8 8.12 -22.99 30.45
C VAL A 8 6.61 -23.13 30.55
N PHE A 9 6.02 -22.38 31.47
CA PHE A 9 4.58 -22.44 31.69
C PHE A 9 3.77 -21.36 31.02
N ASP A 10 4.42 -20.58 30.16
CA ASP A 10 3.76 -19.51 29.41
C ASP A 10 2.76 -18.74 30.28
N ILE A 11 3.28 -17.98 31.23
CA ILE A 11 2.43 -17.18 32.11
C ILE A 11 2.45 -15.74 31.59
N TYR A 12 1.27 -15.22 31.24
CA TYR A 12 1.14 -13.86 30.74
C TYR A 12 0.22 -13.08 31.65
N ALA A 13 0.24 -11.76 31.49
CA ALA A 13 -0.61 -10.88 32.26
C ALA A 13 -1.39 -10.07 31.24
N ILE A 14 -2.70 -9.92 31.47
CA ILE A 14 -3.52 -9.11 30.58
C ILE A 14 -4.30 -8.20 31.48
N CYS A 15 -4.28 -6.91 31.17
CA CYS A 15 -4.94 -5.92 31.98
C CYS A 15 -5.45 -4.80 31.11
N VAL A 16 -6.06 -3.80 31.73
CA VAL A 16 -6.60 -2.64 31.04
C VAL A 16 -6.47 -1.48 32.02
N CYS A 17 -5.94 -0.35 31.56
CA CYS A 17 -5.77 0.80 32.44
C CYS A 17 -6.23 2.12 31.82
N CYS A 18 -6.82 2.96 32.66
CA CYS A 18 -7.29 4.28 32.24
C CYS A 18 -6.35 5.31 32.83
N LYS A 19 -6.63 6.58 32.59
CA LYS A 19 -5.79 7.63 33.14
C LYS A 19 -6.33 7.99 34.52
N VAL A 20 -5.42 8.44 35.38
CA VAL A 20 -5.76 8.78 36.75
C VAL A 20 -6.13 10.24 36.99
N GLU A 21 -7.20 10.41 37.74
CA GLU A 21 -7.76 11.71 38.08
C GLU A 21 -6.88 12.61 38.95
N SER A 22 -5.60 12.29 39.08
CA SER A 22 -4.69 13.10 39.90
C SER A 22 -3.67 13.90 39.08
N LYS A 23 -4.02 15.14 38.74
CA LYS A 23 -3.14 16.01 37.95
C LYS A 23 -2.90 17.34 38.65
N ASN A 24 -1.64 17.62 39.01
CA ASN A 24 -1.30 18.86 39.69
C ASN A 24 -1.54 20.02 38.72
N GLU A 25 -1.92 21.19 39.28
CA GLU A 25 -2.20 22.37 38.46
C GLU A 25 -1.06 23.37 38.39
N GLY A 26 -0.04 23.19 39.22
CA GLY A 26 1.10 24.09 39.21
C GLY A 26 1.52 24.48 37.80
N LYS A 27 1.64 23.48 36.93
CA LYS A 27 2.03 23.70 35.54
C LYS A 27 0.97 23.10 34.63
N LYS A 28 0.23 23.96 33.93
CA LYS A 28 -0.83 23.52 33.03
C LYS A 28 -0.29 22.64 31.91
N ASN A 29 1.02 22.44 31.92
CA ASN A 29 1.69 21.61 30.92
C ASN A 29 1.91 20.23 31.54
N GLU A 30 0.97 19.33 31.29
CA GLU A 30 1.06 17.99 31.84
C GLU A 30 2.02 17.10 31.05
N VAL A 31 2.91 16.43 31.78
CA VAL A 31 3.88 15.53 31.17
C VAL A 31 3.22 14.16 31.05
N PHE A 32 3.51 13.45 29.96
CA PHE A 32 2.94 12.12 29.75
C PHE A 32 3.99 11.06 29.57
N ASN A 33 3.62 9.83 29.93
CA ASN A 33 4.48 8.66 29.81
C ASN A 33 3.61 7.43 29.98
N ASN A 34 4.20 6.24 29.85
CA ASN A 34 3.42 5.02 29.97
C ASN A 34 2.68 4.93 31.30
N TYR A 35 3.30 5.46 32.35
CA TYR A 35 2.70 5.45 33.68
C TYR A 35 1.43 6.30 33.73
N THR A 36 1.12 6.99 32.64
CA THR A 36 -0.08 7.81 32.56
C THR A 36 -1.29 6.89 32.66
N PHE A 37 -1.19 5.71 32.06
CA PHE A 37 -2.25 4.72 32.10
C PHE A 37 -1.93 3.73 33.22
N ARG A 38 -2.67 3.84 34.33
CA ARG A 38 -2.42 2.98 35.48
C ARG A 38 -3.67 2.66 36.29
N GLY A 39 -4.78 3.35 36.04
CA GLY A 39 -5.98 3.08 36.80
C GLY A 39 -6.53 1.69 36.55
N LEU A 40 -6.65 0.89 37.61
CA LEU A 40 -7.16 -0.46 37.47
C LEU A 40 -8.61 -0.63 37.93
N GLY A 41 -8.94 -0.05 39.08
CA GLY A 41 -10.30 -0.18 39.58
C GLY A 41 -10.69 0.84 40.64
N ASN A 42 -11.97 0.88 40.96
CA ASN A 42 -12.46 1.81 41.95
C ASN A 42 -13.60 1.19 42.76
N LYS A 43 -13.52 1.33 44.08
CA LYS A 43 -14.54 0.81 44.99
C LYS A 43 -14.94 -0.61 44.64
N GLY A 44 -13.95 -1.47 44.40
CA GLY A 44 -14.22 -2.86 44.09
C GLY A 44 -14.50 -3.24 42.64
N VAL A 45 -14.88 -2.27 41.82
CA VAL A 45 -15.17 -2.52 40.41
C VAL A 45 -14.27 -1.73 39.47
N LEU A 46 -14.59 -1.75 38.18
CA LEU A 46 -13.81 -1.02 37.18
C LEU A 46 -14.18 0.46 37.18
N PRO A 47 -13.18 1.36 37.03
CA PRO A 47 -13.40 2.81 37.03
C PRO A 47 -14.41 3.24 35.97
N TRP A 48 -14.35 2.61 34.82
CA TRP A 48 -15.30 2.91 33.75
C TRP A 48 -16.34 1.83 33.97
N LYS A 49 -17.56 2.04 33.50
CA LYS A 49 -18.56 1.01 33.71
C LYS A 49 -18.17 -0.24 32.94
N CYS A 50 -18.32 -0.18 31.63
CA CYS A 50 -17.98 -1.30 30.79
C CYS A 50 -17.36 -0.81 29.51
N ASN A 51 -16.63 -1.70 28.85
CA ASN A 51 -16.02 -1.39 27.57
C ASN A 51 -16.18 -2.63 26.71
N SER A 52 -17.13 -2.59 25.80
CA SER A 52 -17.43 -3.70 24.92
C SER A 52 -16.23 -4.22 24.15
N LEU A 53 -15.50 -3.31 23.53
CA LEU A 53 -14.35 -3.70 22.74
C LEU A 53 -13.27 -4.38 23.59
N ASP A 54 -12.83 -3.74 24.66
CA ASP A 54 -11.81 -4.38 25.48
C ASP A 54 -12.28 -5.73 26.01
N MET A 55 -13.57 -5.83 26.33
CA MET A 55 -14.13 -7.08 26.83
C MET A 55 -13.99 -8.16 25.76
N LYS A 56 -14.32 -7.81 24.52
CA LYS A 56 -14.22 -8.73 23.41
C LYS A 56 -12.76 -9.13 23.23
N TYR A 57 -11.86 -8.17 23.35
CA TYR A 57 -10.42 -8.42 23.22
C TYR A 57 -10.00 -9.40 24.31
N PHE A 58 -10.35 -9.07 25.54
CA PHE A 58 -10.04 -9.91 26.69
C PHE A 58 -10.51 -11.33 26.45
N CYS A 59 -11.79 -11.47 26.07
CA CYS A 59 -12.35 -12.79 25.83
C CYS A 59 -11.62 -13.54 24.73
N ALA A 60 -11.34 -12.87 23.61
CA ALA A 60 -10.64 -13.52 22.51
C ALA A 60 -9.24 -14.01 22.90
N VAL A 61 -8.49 -13.18 23.60
CA VAL A 61 -7.15 -13.56 24.01
C VAL A 61 -7.12 -14.71 25.03
N THR A 62 -7.92 -14.59 26.09
CA THR A 62 -7.92 -15.62 27.13
C THR A 62 -8.61 -16.93 26.79
N THR A 63 -9.30 -17.00 25.66
CA THR A 63 -9.96 -18.26 25.27
C THR A 63 -9.30 -18.86 24.04
N TYR A 64 -8.49 -18.08 23.33
CA TYR A 64 -7.83 -18.58 22.13
C TYR A 64 -6.74 -19.60 22.41
N VAL A 65 -6.76 -20.70 21.67
CA VAL A 65 -5.75 -21.75 21.82
C VAL A 65 -5.42 -22.29 20.43
N ASN A 66 -4.18 -22.72 20.26
CA ASN A 66 -3.73 -23.28 18.99
C ASN A 66 -3.44 -24.75 19.25
N GLU A 67 -4.42 -25.59 18.97
CA GLU A 67 -4.31 -27.02 19.17
C GLU A 67 -3.00 -27.60 18.64
N SER A 68 -2.67 -27.28 17.39
CA SER A 68 -1.46 -27.79 16.76
C SER A 68 -0.16 -27.28 17.38
N LYS A 69 -0.24 -26.50 18.46
CA LYS A 69 0.96 -25.99 19.11
C LYS A 69 1.15 -26.57 20.50
N TYR A 70 0.06 -27.07 21.08
CA TYR A 70 0.13 -27.65 22.42
C TYR A 70 1.17 -28.76 22.41
N GLU A 71 1.08 -29.62 21.39
CA GLU A 71 1.98 -30.75 21.23
C GLU A 71 3.41 -30.36 21.60
N LYS A 72 3.88 -29.24 21.06
CA LYS A 72 5.23 -28.78 21.35
C LYS A 72 5.35 -28.21 22.76
N LEU A 73 4.31 -27.53 23.23
CA LEU A 73 4.32 -26.96 24.56
C LEU A 73 4.39 -28.06 25.61
N LYS A 74 3.62 -29.12 25.39
CA LYS A 74 3.60 -30.25 26.31
C LYS A 74 4.98 -30.85 26.46
N TYR A 75 5.67 -31.06 25.34
CA TYR A 75 7.01 -31.62 25.38
C TYR A 75 7.94 -30.73 26.21
N LYS A 76 7.85 -29.43 25.98
CA LYS A 76 8.67 -28.45 26.69
C LYS A 76 8.56 -28.56 28.21
N ARG A 77 7.33 -28.53 28.70
CA ARG A 77 7.07 -28.62 30.13
C ARG A 77 7.45 -29.98 30.71
N CYS A 78 7.32 -31.02 29.90
CA CYS A 78 7.68 -32.35 30.36
C CYS A 78 9.18 -32.43 30.61
N LYS A 79 9.97 -32.16 29.57
CA LYS A 79 11.42 -32.22 29.72
C LYS A 79 11.88 -31.38 30.91
N TYR A 80 11.22 -30.25 31.13
CA TYR A 80 11.57 -29.38 32.25
C TYR A 80 11.30 -30.05 33.59
N LEU A 81 10.21 -30.81 33.66
CA LEU A 81 9.84 -31.50 34.90
C LEU A 81 10.35 -32.93 34.92
N ASN A 82 11.15 -33.30 33.93
CA ASN A 82 11.70 -34.65 33.82
C ASN A 82 10.57 -35.65 33.72
N LYS A 83 9.85 -35.60 32.59
CA LYS A 83 8.72 -36.49 32.36
C LYS A 83 8.60 -36.90 30.89
N GLU A 84 8.67 -38.20 30.63
CA GLU A 84 8.57 -38.74 29.28
C GLU A 84 8.32 -40.25 29.32
N LYS A 96 -12.74 -32.46 27.34
CA LYS A 96 -11.36 -32.81 27.04
C LYS A 96 -10.71 -31.78 26.11
N LYS A 97 -11.46 -30.74 25.75
CA LYS A 97 -10.96 -29.69 24.85
C LYS A 97 -9.90 -28.81 25.52
N LEU A 98 -8.84 -28.50 24.78
CA LEU A 98 -7.76 -27.67 25.29
C LEU A 98 -8.21 -26.25 25.62
N GLN A 99 -7.88 -25.80 26.82
CA GLN A 99 -8.25 -24.47 27.29
C GLN A 99 -7.05 -23.74 27.88
N ASN A 100 -7.21 -22.44 28.11
CA ASN A 100 -6.19 -21.62 28.73
C ASN A 100 -6.53 -21.57 30.21
N VAL A 101 -5.59 -21.07 31.00
CA VAL A 101 -5.84 -20.95 32.42
C VAL A 101 -5.91 -19.46 32.74
N VAL A 102 -6.84 -19.07 33.60
CA VAL A 102 -6.93 -17.67 34.02
C VAL A 102 -6.77 -17.70 35.54
N VAL A 103 -5.96 -16.80 36.07
CA VAL A 103 -5.68 -16.72 37.50
C VAL A 103 -6.07 -15.34 38.02
N MET A 104 -6.83 -15.31 39.11
CA MET A 104 -7.27 -14.03 39.66
C MET A 104 -7.27 -14.00 41.19
N GLY A 105 -7.22 -12.80 41.75
CA GLY A 105 -7.25 -12.66 43.19
C GLY A 105 -8.69 -12.82 43.64
N ARG A 106 -8.88 -13.24 44.89
CA ARG A 106 -10.23 -13.44 45.40
C ARG A 106 -11.14 -12.23 45.23
N THR A 107 -10.62 -11.03 45.43
CA THR A 107 -11.47 -9.83 45.30
C THR A 107 -11.99 -9.70 43.87
N THR A 108 -11.13 -9.99 42.91
CA THR A 108 -11.49 -9.92 41.50
C THR A 108 -12.58 -10.94 41.18
N TRP A 109 -12.42 -12.15 41.72
CA TRP A 109 -13.40 -13.19 41.49
C TRP A 109 -14.78 -12.75 42.00
N GLU A 110 -14.80 -12.10 43.15
CA GLU A 110 -16.06 -11.66 43.73
C GLU A 110 -16.67 -10.47 43.00
N SER A 111 -15.92 -9.86 42.10
CA SER A 111 -16.46 -8.72 41.36
C SER A 111 -17.16 -9.19 40.09
N ILE A 112 -16.95 -10.45 39.72
CA ILE A 112 -17.58 -11.00 38.53
C ILE A 112 -19.03 -11.36 38.77
N PRO A 113 -19.95 -10.89 37.89
CA PRO A 113 -21.37 -11.22 38.07
C PRO A 113 -21.56 -12.74 38.09
N LYS A 114 -22.53 -13.19 38.86
CA LYS A 114 -22.79 -14.63 38.99
C LYS A 114 -22.99 -15.36 37.66
N LYS A 115 -23.72 -14.75 36.74
CA LYS A 115 -23.97 -15.41 35.46
C LYS A 115 -22.72 -15.60 34.60
N PHE A 116 -21.59 -15.03 35.04
CA PHE A 116 -20.36 -15.18 34.29
C PHE A 116 -19.27 -15.97 35.03
N LYS A 117 -19.60 -16.48 36.21
CA LYS A 117 -18.68 -17.27 37.03
C LYS A 117 -18.96 -18.75 36.82
N PRO A 118 -17.93 -19.54 36.50
CA PRO A 118 -16.53 -19.13 36.29
C PRO A 118 -16.36 -18.67 34.83
N LEU A 119 -15.30 -17.93 34.53
CA LEU A 119 -15.11 -17.46 33.17
C LEU A 119 -15.18 -18.61 32.18
N SER A 120 -16.13 -18.52 31.24
CA SER A 120 -16.38 -19.56 30.24
C SER A 120 -15.19 -20.06 29.43
N ASN A 121 -15.23 -21.37 29.14
CA ASN A 121 -14.20 -22.05 28.38
C ASN A 121 -12.80 -21.79 28.90
N ARG A 122 -12.68 -21.60 30.21
CA ARG A 122 -11.39 -21.32 30.81
C ARG A 122 -11.22 -21.98 32.17
N ILE A 123 -10.04 -22.56 32.40
CA ILE A 123 -9.74 -23.16 33.68
C ILE A 123 -9.56 -21.98 34.63
N ASN A 124 -10.52 -21.76 35.51
CA ASN A 124 -10.46 -20.66 36.48
C ASN A 124 -9.68 -21.02 37.75
N VAL A 125 -8.71 -20.17 38.09
CA VAL A 125 -7.88 -20.37 39.27
C VAL A 125 -7.99 -19.13 40.14
N ILE A 126 -8.24 -19.30 41.43
CA ILE A 126 -8.40 -18.19 42.35
C ILE A 126 -7.43 -18.22 43.52
N LEU A 127 -6.78 -17.09 43.79
CA LEU A 127 -5.86 -16.99 44.91
C LEU A 127 -6.62 -16.44 46.12
N SER A 128 -6.47 -17.09 47.26
CA SER A 128 -7.16 -16.65 48.47
C SER A 128 -6.64 -17.36 49.72
N ARG A 129 -6.67 -16.65 50.85
CA ARG A 129 -6.24 -17.22 52.11
C ARG A 129 -7.45 -17.32 53.02
N THR A 130 -8.36 -16.36 52.92
CA THR A 130 -9.55 -16.34 53.75
C THR A 130 -10.61 -17.36 53.35
N LEU A 131 -10.59 -17.80 52.09
CA LEU A 131 -11.58 -18.77 51.63
C LEU A 131 -10.93 -20.04 51.12
N LYS A 132 -11.61 -21.17 51.28
CA LYS A 132 -11.09 -22.44 50.80
C LYS A 132 -12.10 -23.06 49.85
N LYS A 133 -11.69 -24.14 49.18
CA LYS A 133 -12.58 -24.79 48.22
C LYS A 133 -14.01 -24.99 48.71
N GLU A 134 -14.18 -25.30 50.00
CA GLU A 134 -15.51 -25.51 50.56
C GLU A 134 -16.35 -24.25 50.48
N ASP A 135 -15.69 -23.10 50.35
CA ASP A 135 -16.40 -21.83 50.28
C ASP A 135 -16.84 -21.47 48.86
N PHE A 136 -16.57 -22.35 47.91
CA PHE A 136 -16.93 -22.10 46.53
C PHE A 136 -17.81 -23.22 46.00
N ASP A 137 -18.82 -22.85 45.23
CA ASP A 137 -19.74 -23.81 44.65
C ASP A 137 -19.32 -24.13 43.20
N GLU A 138 -18.69 -23.15 42.57
CA GLU A 138 -18.27 -23.26 41.17
C GLU A 138 -17.09 -24.21 40.89
N ASP A 139 -16.96 -24.55 39.62
CA ASP A 139 -15.89 -25.42 39.13
C ASP A 139 -14.63 -24.55 39.03
N VAL A 140 -13.89 -24.45 40.12
CA VAL A 140 -12.68 -23.63 40.11
C VAL A 140 -11.59 -24.22 41.00
N TYR A 141 -10.36 -23.80 40.77
CA TYR A 141 -9.23 -24.25 41.57
C TYR A 141 -8.91 -23.12 42.54
N ILE A 142 -8.69 -23.48 43.80
CA ILE A 142 -8.33 -22.50 44.82
C ILE A 142 -6.87 -22.74 45.23
N ILE A 143 -6.07 -21.68 45.27
CA ILE A 143 -4.67 -21.80 45.71
C ILE A 143 -4.36 -20.71 46.72
N ASN A 144 -3.49 -21.01 47.67
CA ASN A 144 -3.17 -20.04 48.72
C ASN A 144 -1.78 -19.43 48.69
N LYS A 145 -1.07 -19.61 47.58
CA LYS A 145 0.25 -19.02 47.42
C LYS A 145 0.72 -19.22 45.98
N VAL A 146 1.60 -18.32 45.53
CA VAL A 146 2.10 -18.37 44.17
C VAL A 146 2.70 -19.70 43.74
N GLU A 147 3.58 -20.28 44.56
CA GLU A 147 4.21 -21.54 44.18
C GLU A 147 3.20 -22.63 43.85
N ASP A 148 2.04 -22.61 44.49
CA ASP A 148 1.03 -23.62 44.22
C ASP A 148 0.48 -23.50 42.80
N LEU A 149 0.66 -22.34 42.19
CA LEU A 149 0.20 -22.15 40.82
C LEU A 149 1.13 -22.92 39.90
N ILE A 150 2.43 -22.79 40.13
CA ILE A 150 3.43 -23.48 39.32
C ILE A 150 3.19 -24.98 39.40
N VAL A 151 2.88 -25.45 40.61
CA VAL A 151 2.61 -26.85 40.85
C VAL A 151 1.39 -27.29 40.07
N LEU A 152 0.30 -26.55 40.20
CA LEU A 152 -0.94 -26.87 39.50
C LEU A 152 -0.71 -26.91 38.00
N LEU A 153 -0.02 -25.90 37.47
CA LEU A 153 0.25 -25.84 36.04
C LEU A 153 1.00 -27.10 35.60
N GLY A 154 1.95 -27.52 36.43
CA GLY A 154 2.70 -28.71 36.11
C GLY A 154 1.85 -29.97 35.99
N LYS A 155 0.63 -29.92 36.52
CA LYS A 155 -0.26 -31.06 36.48
C LYS A 155 -1.40 -30.93 35.48
N LEU A 156 -1.66 -29.72 35.02
CA LEU A 156 -2.75 -29.52 34.06
C LEU A 156 -2.34 -29.50 32.60
N ASN A 157 -3.31 -29.77 31.74
CA ASN A 157 -3.12 -29.72 30.30
C ASN A 157 -3.77 -28.38 29.93
N TYR A 158 -2.96 -27.42 29.51
CA TYR A 158 -3.48 -26.13 29.14
C TYR A 158 -2.59 -25.50 28.09
N TYR A 159 -3.14 -24.52 27.38
CA TYR A 159 -2.40 -23.83 26.34
C TYR A 159 -1.54 -22.74 26.98
N LYS A 160 -2.16 -21.66 27.44
CA LYS A 160 -1.43 -20.55 28.07
C LYS A 160 -2.07 -20.15 29.39
N CYS A 161 -1.29 -19.53 30.27
CA CYS A 161 -1.80 -19.10 31.58
C CYS A 161 -1.84 -17.57 31.66
N PHE A 162 -3.03 -17.03 31.90
CA PHE A 162 -3.22 -15.59 32.00
C PHE A 162 -3.55 -15.09 33.39
N ILE A 163 -2.77 -14.13 33.87
CA ILE A 163 -3.00 -13.52 35.17
C ILE A 163 -3.97 -12.41 34.75
N ILE A 164 -5.12 -12.31 35.41
CA ILE A 164 -6.08 -11.30 35.00
C ILE A 164 -6.45 -10.24 36.04
N GLY A 165 -5.66 -10.15 37.11
CA GLY A 165 -5.93 -9.16 38.15
C GLY A 165 -6.13 -9.77 39.52
N GLY A 166 -6.29 -8.95 40.57
CA GLY A 166 -6.26 -7.49 40.45
C GLY A 166 -4.89 -6.88 40.77
N SER A 167 -4.89 -5.64 41.28
CA SER A 167 -3.64 -4.95 41.59
C SER A 167 -2.67 -5.71 42.47
N VAL A 168 -3.17 -6.29 43.55
CA VAL A 168 -2.28 -7.07 44.42
C VAL A 168 -1.66 -8.22 43.65
N VAL A 169 -2.48 -8.94 42.88
CA VAL A 169 -2.00 -10.07 42.09
C VAL A 169 -1.00 -9.65 40.99
N TYR A 170 -1.30 -8.61 40.24
CA TYR A 170 -0.38 -8.17 39.18
C TYR A 170 0.93 -7.82 39.85
N GLN A 171 0.84 -7.00 40.89
CA GLN A 171 1.99 -6.57 41.66
C GLN A 171 2.96 -7.70 41.99
N GLU A 172 2.50 -8.71 42.72
CA GLU A 172 3.38 -9.80 43.11
C GLU A 172 3.93 -10.63 41.97
N PHE A 173 3.11 -10.93 40.97
CA PHE A 173 3.59 -11.72 39.84
C PHE A 173 4.67 -10.98 39.06
N LEU A 174 4.48 -9.67 38.87
CA LEU A 174 5.48 -8.88 38.15
C LEU A 174 6.79 -8.86 38.91
N GLU A 175 6.69 -8.64 40.22
CA GLU A 175 7.88 -8.59 41.08
C GLU A 175 8.68 -9.88 40.95
N LYS A 176 7.99 -11.02 40.99
CA LYS A 176 8.65 -12.32 40.87
C LYS A 176 9.03 -12.63 39.42
N LYS A 177 8.98 -11.62 38.57
CA LYS A 177 9.33 -11.78 37.17
C LYS A 177 8.71 -13.04 36.55
N LEU A 178 7.48 -13.38 36.97
CA LEU A 178 6.80 -14.56 36.44
C LEU A 178 5.93 -14.26 35.22
N ILE A 179 6.08 -13.07 34.64
CA ILE A 179 5.29 -12.69 33.46
C ILE A 179 6.15 -12.70 32.18
N LYS A 180 5.72 -13.45 31.18
CA LYS A 180 6.45 -13.52 29.92
C LYS A 180 6.14 -12.29 29.07
N LYS A 181 4.88 -11.88 29.09
CA LYS A 181 4.43 -10.70 28.35
C LYS A 181 3.24 -10.07 29.09
N ILE A 182 2.99 -8.80 28.80
CA ILE A 182 1.87 -8.10 29.41
C ILE A 182 0.98 -7.54 28.30
N TYR A 183 -0.23 -8.04 28.19
CA TYR A 183 -1.15 -7.54 27.19
C TYR A 183 -1.87 -6.41 27.91
N PHE A 184 -1.46 -5.20 27.56
CA PHE A 184 -1.95 -3.98 28.21
C PHE A 184 -2.91 -3.14 27.36
N THR A 185 -4.10 -2.90 27.87
CA THR A 185 -5.09 -2.11 27.15
C THR A 185 -5.07 -0.70 27.69
N ARG A 186 -4.98 0.28 26.79
CA ARG A 186 -4.95 1.67 27.20
C ARG A 186 -6.28 2.38 26.91
N ILE A 187 -7.04 2.63 27.97
CA ILE A 187 -8.31 3.34 27.88
C ILE A 187 -7.92 4.82 27.97
N ASN A 188 -8.06 5.54 26.86
CA ASN A 188 -7.66 6.95 26.82
C ASN A 188 -8.65 7.94 27.40
N SER A 189 -8.92 7.80 28.70
CA SER A 189 -9.83 8.68 29.41
C SER A 189 -9.55 8.60 30.90
N THR A 190 -10.07 9.58 31.64
CA THR A 190 -9.84 9.65 33.08
C THR A 190 -11.05 9.26 33.92
N TYR A 191 -10.78 8.51 34.99
CA TYR A 191 -11.81 8.08 35.93
C TYR A 191 -11.26 8.06 37.34
N GLU A 192 -12.16 8.01 38.32
CA GLU A 192 -11.75 7.96 39.72
C GLU A 192 -11.25 6.54 39.97
N CYS A 193 -10.11 6.41 40.63
CA CYS A 193 -9.54 5.09 40.92
C CYS A 193 -8.93 5.02 42.31
N ASP A 194 -8.91 3.82 42.88
CA ASP A 194 -8.31 3.61 44.18
C ASP A 194 -7.26 2.50 44.11
N VAL A 195 -7.22 1.79 42.98
CA VAL A 195 -6.21 0.74 42.76
C VAL A 195 -5.53 0.99 41.43
N PHE A 196 -4.22 0.73 41.37
CA PHE A 196 -3.46 1.01 40.17
C PHE A 196 -2.52 -0.12 39.77
N PHE A 197 -2.13 -0.13 38.49
CA PHE A 197 -1.21 -1.14 37.99
C PHE A 197 0.16 -0.66 38.44
N PRO A 198 1.07 -1.58 38.82
CA PRO A 198 2.40 -1.17 39.26
C PRO A 198 3.13 -0.46 38.13
N GLU A 199 4.09 0.37 38.49
CA GLU A 199 4.87 1.08 37.48
C GLU A 199 5.73 0.02 36.78
N ILE A 200 5.68 -0.01 35.45
CA ILE A 200 6.45 -0.99 34.69
C ILE A 200 7.89 -0.51 34.51
N ASN A 201 8.84 -1.36 34.88
CA ASN A 201 10.25 -1.04 34.74
C ASN A 201 10.71 -1.30 33.32
N GLU A 202 11.15 -0.25 32.63
CA GLU A 202 11.60 -0.36 31.25
C GLU A 202 12.79 -1.28 31.01
N ASN A 203 13.59 -1.54 32.04
CA ASN A 203 14.73 -2.42 31.86
C ASN A 203 14.26 -3.86 31.86
N GLU A 204 13.14 -4.10 32.52
CA GLU A 204 12.59 -5.45 32.61
C GLU A 204 11.59 -5.73 31.49
N TYR A 205 10.88 -4.71 31.04
CA TYR A 205 9.89 -4.88 30.00
C TYR A 205 9.95 -3.82 28.90
N GLN A 206 9.82 -4.27 27.66
CA GLN A 206 9.83 -3.38 26.50
C GLN A 206 8.57 -3.61 25.66
N ILE A 207 8.04 -2.55 25.07
CA ILE A 207 6.87 -2.69 24.23
C ILE A 207 7.33 -3.27 22.91
N ILE A 208 6.64 -4.27 22.40
CA ILE A 208 7.04 -4.86 21.12
C ILE A 208 5.98 -4.75 20.04
N SER A 209 4.77 -4.34 20.42
CA SER A 209 3.70 -4.21 19.44
C SER A 209 2.59 -3.30 19.93
N VAL A 210 2.09 -2.47 19.02
CA VAL A 210 1.02 -1.54 19.34
C VAL A 210 -0.04 -1.77 18.28
N SER A 211 -1.30 -1.73 18.69
CA SER A 211 -2.40 -1.99 17.77
C SER A 211 -3.00 -0.74 17.14
N ASP A 212 -4.02 -0.97 16.31
CA ASP A 212 -4.76 0.10 15.66
C ASP A 212 -5.51 0.76 16.80
N VAL A 213 -5.99 1.98 16.59
CA VAL A 213 -6.71 2.70 17.63
C VAL A 213 -8.22 2.56 17.39
N TYR A 214 -8.99 2.40 18.46
CA TYR A 214 -10.42 2.25 18.30
C TYR A 214 -11.18 3.14 19.27
N THR A 215 -12.46 3.27 19.00
CA THR A 215 -13.36 4.03 19.86
C THR A 215 -14.42 3.04 20.33
N SER A 216 -14.75 3.08 21.61
CA SER A 216 -15.76 2.20 22.16
C SER A 216 -16.28 2.82 23.44
N ASN A 217 -17.60 2.82 23.60
CA ASN A 217 -18.24 3.40 24.78
C ASN A 217 -17.72 4.80 25.08
N ASN A 218 -17.73 5.65 24.05
CA ASN A 218 -17.31 7.05 24.16
C ASN A 218 -15.89 7.32 24.63
N THR A 219 -14.94 6.53 24.16
CA THR A 219 -13.53 6.71 24.49
C THR A 219 -12.68 5.93 23.52
N THR A 220 -11.50 6.46 23.20
CA THR A 220 -10.61 5.74 22.29
C THR A 220 -9.78 4.83 23.17
N LEU A 221 -9.19 3.80 22.57
CA LEU A 221 -8.35 2.87 23.29
C LEU A 221 -7.54 2.10 22.28
N ASP A 222 -6.41 1.57 22.71
CA ASP A 222 -5.57 0.75 21.86
C ASP A 222 -4.99 -0.37 22.72
N PHE A 223 -4.37 -1.33 22.08
CA PHE A 223 -3.80 -2.46 22.80
C PHE A 223 -2.32 -2.58 22.50
N ILE A 224 -1.51 -2.67 23.55
CA ILE A 224 -0.09 -2.82 23.35
C ILE A 224 0.41 -4.07 24.08
N ILE A 225 1.56 -4.56 23.63
CA ILE A 225 2.14 -5.74 24.22
C ILE A 225 3.55 -5.44 24.69
N TYR A 226 3.83 -5.83 25.94
CA TYR A 226 5.15 -5.67 26.53
C TYR A 226 5.80 -7.04 26.57
N LYS A 227 7.11 -7.08 26.33
CA LYS A 227 7.85 -8.33 26.34
C LYS A 227 8.96 -8.20 27.38
N LYS A 228 9.26 -9.31 28.05
CA LYS A 228 10.29 -9.36 29.08
C LYS A 228 11.66 -9.18 28.43
N THR A 229 12.35 -8.10 28.79
CA THR A 229 13.66 -7.80 28.22
C THR A 229 14.70 -8.90 28.38
N ASN A 230 15.55 -9.03 27.36
CA ASN A 230 16.62 -10.03 27.33
C ASN A 230 17.77 -9.62 28.26
N ASN A 231 18.66 -10.58 28.54
CA ASN A 231 19.80 -10.33 29.42
C ASN A 231 19.32 -9.81 30.78
N ASP A 283 5.13 -25.33 3.54
CA ASP A 283 5.93 -25.78 2.36
C ASP A 283 7.15 -24.90 2.15
N ASP A 284 8.31 -25.45 2.48
CA ASP A 284 9.58 -24.73 2.33
C ASP A 284 9.86 -24.41 0.87
N GLU A 285 9.04 -24.95 -0.03
CA GLU A 285 9.19 -24.72 -1.46
C GLU A 285 8.91 -23.26 -1.81
N GLU A 286 7.72 -22.79 -1.45
CA GLU A 286 7.31 -21.42 -1.70
C GLU A 286 8.36 -20.46 -1.15
N GLU A 287 9.01 -20.85 -0.06
CA GLU A 287 10.04 -20.04 0.59
C GLU A 287 11.23 -19.78 -0.33
N ASP A 288 11.75 -20.84 -0.95
CA ASP A 288 12.88 -20.68 -1.86
C ASP A 288 12.52 -19.87 -3.10
N ASP A 289 11.30 -20.09 -3.61
CA ASP A 289 10.85 -19.34 -4.78
C ASP A 289 10.93 -17.86 -4.44
N PHE A 290 10.51 -17.52 -3.22
CA PHE A 290 10.55 -16.15 -2.76
C PHE A 290 11.99 -15.64 -2.86
N VAL A 291 12.92 -16.41 -2.32
CA VAL A 291 14.33 -16.02 -2.36
C VAL A 291 14.76 -15.79 -3.81
N TYR A 292 14.22 -16.58 -4.72
CA TYR A 292 14.55 -16.45 -6.15
C TYR A 292 13.99 -15.13 -6.67
N PHE A 293 12.69 -14.93 -6.50
CA PHE A 293 12.02 -13.74 -6.96
C PHE A 293 12.60 -12.44 -6.40
N ASN A 294 13.58 -12.54 -5.51
CA ASN A 294 14.21 -11.37 -4.92
C ASN A 294 15.70 -11.32 -5.26
N PHE A 295 16.09 -12.01 -6.32
CA PHE A 295 17.48 -12.04 -6.73
C PHE A 295 18.01 -10.68 -7.18
N ASN A 296 17.13 -9.87 -7.76
CA ASN A 296 17.54 -8.56 -8.25
C ASN A 296 17.30 -7.40 -7.28
N LYS A 297 16.87 -7.71 -6.05
CA LYS A 297 16.64 -6.67 -5.05
C LYS A 297 18.00 -6.20 -4.52
N GLU A 298 19.05 -6.56 -5.24
CA GLU A 298 20.43 -6.22 -4.91
C GLU A 298 20.60 -4.84 -4.28
N LYS A 299 19.99 -3.83 -4.88
CA LYS A 299 20.08 -2.47 -4.34
C LYS A 299 19.32 -2.41 -3.03
N GLU A 300 20.04 -2.16 -1.93
CA GLU A 300 19.43 -2.08 -0.62
C GLU A 300 18.78 -0.73 -0.36
N GLU A 301 19.55 0.21 0.20
CA GLU A 301 19.04 1.55 0.51
C GLU A 301 20.12 2.61 0.28
N LYS A 302 19.79 3.61 -0.54
CA LYS A 302 20.72 4.69 -0.89
C LYS A 302 21.19 5.58 0.26
N ASN A 303 20.30 5.92 1.18
CA ASN A 303 20.68 6.79 2.29
C ASN A 303 20.86 5.99 3.58
N LYS A 304 20.82 4.67 3.47
CA LYS A 304 20.99 3.81 4.63
C LYS A 304 22.36 4.08 5.26
N ASN A 305 23.35 4.30 4.40
CA ASN A 305 24.71 4.57 4.85
C ASN A 305 24.79 6.00 5.37
N SER A 306 23.95 6.87 4.82
CA SER A 306 23.91 8.28 5.23
C SER A 306 23.17 8.35 6.57
N ILE A 307 22.08 7.60 6.65
CA ILE A 307 21.24 7.54 7.84
C ILE A 307 21.31 6.13 8.43
N HIS A 308 22.06 6.00 9.51
CA HIS A 308 22.24 4.71 10.19
C HIS A 308 20.96 4.22 10.83
N PRO A 309 20.38 3.13 10.29
CA PRO A 309 19.14 2.58 10.86
C PRO A 309 19.33 2.11 12.30
N ASN A 310 20.57 2.19 12.77
CA ASN A 310 20.91 1.81 14.14
C ASN A 310 20.41 2.91 15.07
N ASP A 311 20.07 4.05 14.48
CA ASP A 311 19.55 5.19 15.23
C ASP A 311 18.05 5.00 15.43
N PHE A 312 17.49 3.98 14.79
CA PHE A 312 16.07 3.68 14.90
C PHE A 312 15.90 2.37 15.66
N GLN A 313 16.73 2.21 16.69
CA GLN A 313 16.73 1.02 17.53
C GLN A 313 15.34 0.63 18.02
N ILE A 314 14.67 1.58 18.66
CA ILE A 314 13.33 1.34 19.17
C ILE A 314 12.32 1.15 18.05
N TYR A 315 12.40 2.00 17.03
CA TYR A 315 11.49 1.94 15.89
C TYR A 315 11.57 0.58 15.20
N ASN A 316 12.79 0.06 15.08
CA ASN A 316 13.01 -1.23 14.43
C ASN A 316 12.77 -2.45 15.29
N SER A 317 12.67 -2.25 16.60
CA SER A 317 12.46 -3.36 17.52
C SER A 317 11.00 -3.79 17.59
N LEU A 318 10.09 -2.86 17.31
CA LEU A 318 8.67 -3.17 17.35
C LEU A 318 8.29 -4.22 16.31
N LYS A 319 7.63 -5.28 16.75
CA LYS A 319 7.20 -6.34 15.86
C LYS A 319 6.00 -5.88 15.03
N TYR A 320 4.89 -5.59 15.71
CA TYR A 320 3.70 -5.13 15.02
C TYR A 320 3.43 -3.65 15.28
N LYS A 321 3.44 -2.86 14.20
CA LYS A 321 3.20 -1.43 14.29
C LYS A 321 1.92 -1.06 13.57
N TYR A 322 0.79 -1.33 14.21
CA TYR A 322 -0.51 -1.05 13.61
C TYR A 322 -1.16 0.26 14.02
N HIS A 323 -0.60 0.98 14.98
CA HIS A 323 -1.17 2.26 15.37
C HIS A 323 -1.14 3.16 14.12
N PRO A 324 -2.28 3.75 13.74
CA PRO A 324 -2.38 4.61 12.57
C PRO A 324 -1.30 5.70 12.42
N GLU A 325 -0.74 6.16 13.53
CA GLU A 325 0.31 7.17 13.43
C GLU A 325 1.48 6.62 12.62
N TYR A 326 1.63 5.29 12.58
CA TYR A 326 2.73 4.72 11.82
C TYR A 326 2.67 4.91 10.32
N GLN A 327 1.51 5.28 9.78
CA GLN A 327 1.43 5.51 8.35
C GLN A 327 2.32 6.72 8.08
N TYR A 328 2.21 7.71 8.97
CA TYR A 328 3.01 8.90 8.85
C TYR A 328 4.46 8.54 9.20
N LEU A 329 4.67 7.94 10.36
CA LEU A 329 6.03 7.58 10.76
C LEU A 329 6.74 6.68 9.76
N ASN A 330 6.02 5.75 9.16
CA ASN A 330 6.64 4.86 8.17
C ASN A 330 7.07 5.61 6.91
N ILE A 331 6.33 6.65 6.56
CA ILE A 331 6.67 7.43 5.37
C ILE A 331 7.97 8.19 5.61
N ILE A 332 8.13 8.75 6.80
CA ILE A 332 9.34 9.48 7.15
C ILE A 332 10.52 8.52 7.00
N TYR A 333 10.34 7.31 7.52
CA TYR A 333 11.37 6.28 7.47
C TYR A 333 11.71 5.89 6.05
N ASP A 334 10.69 5.76 5.21
CA ASP A 334 10.93 5.36 3.83
C ASP A 334 11.73 6.45 3.12
N ILE A 335 11.35 7.69 3.36
CA ILE A 335 12.04 8.80 2.75
C ILE A 335 13.49 8.90 3.23
N MET A 336 13.70 8.67 4.52
CA MET A 336 15.04 8.74 5.06
C MET A 336 15.96 7.65 4.54
N MET A 337 15.42 6.44 4.34
CA MET A 337 16.24 5.35 3.87
C MET A 337 16.35 5.25 2.35
N ASN A 338 15.32 5.69 1.64
CA ASN A 338 15.31 5.58 0.19
C ASN A 338 15.10 6.88 -0.57
N GLY A 339 14.94 7.98 0.16
CA GLY A 339 14.70 9.26 -0.48
C GLY A 339 15.81 9.75 -1.39
N ASN A 340 15.44 10.62 -2.33
CA ASN A 340 16.41 11.17 -3.27
C ASN A 340 16.85 12.53 -2.74
N LYS A 341 18.15 12.78 -2.75
CA LYS A 341 18.69 14.06 -2.29
C LYS A 341 18.46 15.08 -3.38
N GLN A 342 17.92 16.23 -3.02
CA GLN A 342 17.67 17.26 -4.02
C GLN A 342 17.79 18.67 -3.46
N SER A 343 18.10 19.62 -4.33
CA SER A 343 18.20 21.00 -3.92
C SER A 343 16.79 21.54 -3.80
N ASP A 344 16.61 22.57 -2.99
CA ASP A 344 15.29 23.13 -2.76
C ASP A 344 15.21 24.60 -3.16
N ARG A 345 14.01 25.05 -3.54
CA ARG A 345 13.84 26.44 -3.92
C ARG A 345 14.30 27.33 -2.77
N THR A 346 14.26 26.77 -1.56
CA THR A 346 14.68 27.47 -0.36
C THR A 346 16.20 27.34 -0.23
N GLY A 347 16.75 26.30 -0.85
CA GLY A 347 18.19 26.06 -0.80
C GLY A 347 18.58 25.08 0.29
N VAL A 348 17.65 24.82 1.20
CA VAL A 348 17.88 23.92 2.33
C VAL A 348 18.28 22.49 1.92
N GLY A 349 17.71 21.98 0.85
CA GLY A 349 18.03 20.62 0.46
C GLY A 349 17.09 19.66 1.15
N VAL A 350 16.67 18.62 0.45
CA VAL A 350 15.75 17.66 1.02
C VAL A 350 16.00 16.26 0.53
N LEU A 351 15.26 15.32 1.13
CA LEU A 351 15.27 13.92 0.73
C LEU A 351 13.83 13.83 0.29
N SER A 352 13.58 13.22 -0.87
CA SER A 352 12.22 13.15 -1.37
C SER A 352 11.83 11.89 -2.11
N LYS A 353 10.53 11.62 -2.11
CA LYS A 353 9.92 10.48 -2.82
C LYS A 353 8.66 11.07 -3.47
N PHE A 354 8.04 10.31 -4.36
CA PHE A 354 6.86 10.80 -5.09
C PHE A 354 5.67 9.83 -5.02
N GLY A 355 4.57 10.25 -4.40
CA GLY A 355 3.40 9.40 -4.31
C GLY A 355 3.24 8.50 -3.09
N TYR A 356 2.40 8.94 -2.16
CA TYR A 356 2.10 8.18 -0.95
C TYR A 356 0.63 8.42 -0.63
N ILE A 357 0.09 7.55 0.21
CA ILE A 357 -1.30 7.69 0.61
C ILE A 357 -1.48 7.18 2.04
N MET A 358 -2.15 7.98 2.86
CA MET A 358 -2.44 7.61 4.25
C MET A 358 -3.95 7.65 4.41
N LYS A 359 -4.49 6.76 5.25
CA LYS A 359 -5.93 6.72 5.50
C LYS A 359 -6.21 6.71 6.99
N PHE A 360 -7.06 7.63 7.43
CA PHE A 360 -7.39 7.71 8.85
C PHE A 360 -8.88 7.52 9.07
N ASP A 361 -9.23 6.66 10.03
CA ASP A 361 -10.63 6.40 10.32
C ASP A 361 -11.13 7.37 11.39
N LEU A 362 -11.68 8.49 10.93
CA LEU A 362 -12.19 9.52 11.82
C LEU A 362 -13.33 9.06 12.73
N SER A 363 -13.94 7.92 12.41
CA SER A 363 -15.02 7.43 13.25
C SER A 363 -14.41 6.74 14.47
N GLN A 364 -13.13 6.39 14.37
CA GLN A 364 -12.47 5.70 15.46
C GLN A 364 -11.51 6.57 16.26
N TYR A 365 -11.20 7.76 15.77
CA TYR A 365 -10.28 8.66 16.46
C TYR A 365 -9.95 9.91 15.65
N PHE A 366 -9.36 10.90 16.31
CA PHE A 366 -8.94 12.12 15.64
C PHE A 366 -7.43 11.93 15.52
N PRO A 367 -6.90 11.82 14.30
CA PRO A 367 -5.48 11.61 14.00
C PRO A 367 -4.50 12.75 14.26
N LEU A 368 -4.38 13.15 15.52
CA LEU A 368 -3.43 14.19 15.90
C LEU A 368 -2.17 13.49 16.41
N LEU A 369 -1.05 13.67 15.71
CA LEU A 369 0.19 13.01 16.11
C LEU A 369 0.46 13.09 17.62
N THR A 370 0.90 11.98 18.18
CA THR A 370 1.18 11.92 19.61
C THR A 370 2.68 11.79 19.86
N THR A 371 3.46 11.57 18.81
CA THR A 371 4.90 11.44 19.00
C THR A 371 5.56 12.81 19.18
N LYS A 372 4.72 13.84 19.26
CA LYS A 372 5.19 15.19 19.50
C LYS A 372 3.97 16.07 19.79
N LYS A 373 4.20 17.25 20.35
CA LYS A 373 3.10 18.13 20.71
C LYS A 373 2.63 19.06 19.61
N LEU A 374 1.31 19.14 19.46
CA LEU A 374 0.71 19.99 18.45
C LEU A 374 -0.47 20.76 19.07
N PHE A 375 -0.73 21.96 18.56
CA PHE A 375 -1.84 22.77 19.04
C PHE A 375 -2.66 23.03 17.78
N LEU A 376 -3.97 23.18 17.92
CA LEU A 376 -4.79 23.41 16.73
C LEU A 376 -5.54 24.74 16.68
N ARG A 377 -5.39 25.59 17.69
CA ARG A 377 -6.12 26.86 17.67
C ARG A 377 -5.85 27.58 16.34
N GLY A 378 -4.57 27.71 16.00
CA GLY A 378 -4.20 28.37 14.75
C GLY A 378 -4.86 27.77 13.53
N ILE A 379 -4.58 26.50 13.25
CA ILE A 379 -5.14 25.84 12.07
C ILE A 379 -6.66 25.86 12.04
N ILE A 380 -7.30 25.92 13.21
CA ILE A 380 -8.75 25.97 13.26
C ILE A 380 -9.18 27.37 12.83
N GLU A 381 -8.48 28.38 13.31
CA GLU A 381 -8.81 29.75 12.93
C GLU A 381 -8.50 29.90 11.44
N GLU A 382 -7.42 29.27 10.98
CA GLU A 382 -7.10 29.35 9.55
C GLU A 382 -8.23 28.76 8.73
N LEU A 383 -8.75 27.62 9.18
CA LEU A 383 -9.83 26.93 8.49
C LEU A 383 -11.09 27.80 8.45
N LEU A 384 -11.43 28.39 9.59
CA LEU A 384 -12.60 29.26 9.64
C LEU A 384 -12.35 30.44 8.70
N TRP A 385 -11.13 30.95 8.75
CA TRP A 385 -10.71 32.06 7.92
C TRP A 385 -10.94 31.71 6.45
N PHE A 386 -10.61 30.47 6.06
CA PHE A 386 -10.82 30.01 4.69
C PHE A 386 -12.30 30.05 4.36
N ILE A 387 -13.10 29.48 5.26
CA ILE A 387 -14.54 29.40 5.07
C ILE A 387 -15.21 30.76 4.86
N ARG A 388 -14.68 31.80 5.50
CA ARG A 388 -15.26 33.12 5.35
C ARG A 388 -14.83 33.74 4.00
N GLY A 389 -13.92 33.05 3.31
CA GLY A 389 -13.44 33.53 2.04
C GLY A 389 -12.46 34.68 2.17
N GLU A 390 -11.88 34.82 3.35
CA GLU A 390 -10.93 35.89 3.61
C GLU A 390 -9.58 35.63 2.96
N THR A 391 -8.86 36.71 2.67
CA THR A 391 -7.54 36.64 2.09
C THR A 391 -6.70 37.67 2.81
N ASN A 392 -7.31 38.29 3.81
CA ASN A 392 -6.66 39.31 4.62
C ASN A 392 -5.83 38.70 5.75
N GLY A 393 -4.51 38.80 5.64
CA GLY A 393 -3.64 38.23 6.65
C GLY A 393 -3.77 38.86 8.02
N ASN A 394 -4.09 40.15 8.07
CA ASN A 394 -4.22 40.87 9.34
C ASN A 394 -5.22 40.20 10.29
N THR A 395 -6.29 39.65 9.73
CA THR A 395 -7.32 39.00 10.54
C THR A 395 -6.71 37.90 11.40
N LEU A 396 -5.82 37.12 10.82
CA LEU A 396 -5.17 36.04 11.55
C LEU A 396 -4.18 36.60 12.56
N LEU A 397 -3.37 37.57 12.12
CA LEU A 397 -2.37 38.18 13.00
C LEU A 397 -3.00 38.86 14.23
N ASN A 398 -4.23 39.34 14.10
CA ASN A 398 -4.91 40.00 15.21
C ASN A 398 -5.39 38.95 16.21
N LYS A 399 -5.36 37.68 15.80
CA LYS A 399 -5.77 36.58 16.65
C LYS A 399 -4.49 35.86 17.10
N ASN A 400 -3.36 36.43 16.75
CA ASN A 400 -2.05 35.88 17.08
C ASN A 400 -1.80 34.52 16.43
N VAL A 401 -2.26 34.40 15.20
CA VAL A 401 -2.07 33.19 14.40
C VAL A 401 -1.13 33.70 13.30
N ARG A 402 0.11 33.23 13.31
CA ARG A 402 1.12 33.69 12.37
C ARG A 402 1.46 32.72 11.26
N ILE A 403 0.55 31.79 10.98
CA ILE A 403 0.76 30.79 9.93
C ILE A 403 1.18 31.44 8.61
N TRP A 404 0.51 32.55 8.25
CA TRP A 404 0.80 33.25 7.00
C TRP A 404 1.59 34.55 7.10
N GLU A 405 2.07 34.89 8.27
CA GLU A 405 2.81 36.15 8.43
C GLU A 405 3.97 36.36 7.47
N ALA A 406 4.85 35.37 7.32
CA ALA A 406 6.00 35.51 6.43
C ALA A 406 5.63 35.68 4.97
N ASN A 407 4.50 35.11 4.57
CA ASN A 407 4.08 35.17 3.18
C ASN A 407 3.38 36.46 2.79
N GLY A 408 3.21 37.37 3.74
CA GLY A 408 2.54 38.62 3.45
C GLY A 408 3.39 39.85 3.66
N THR A 409 4.70 39.66 3.83
CA THR A 409 5.59 40.79 4.05
C THR A 409 5.86 41.56 2.76
N ARG A 410 6.41 42.75 2.90
CA ARG A 410 6.75 43.60 1.77
C ARG A 410 7.82 42.89 0.97
N GLU A 411 8.76 42.28 1.67
CA GLU A 411 9.85 41.57 1.02
C GLU A 411 9.30 40.37 0.26
N PHE A 412 8.52 39.54 0.93
CA PHE A 412 7.98 38.36 0.27
C PHE A 412 7.14 38.72 -0.94
N LEU A 413 6.18 39.62 -0.77
CA LEU A 413 5.32 40.04 -1.88
C LEU A 413 6.13 40.58 -3.07
N ASP A 414 7.13 41.43 -2.79
CA ASP A 414 7.95 41.97 -3.86
C ASP A 414 8.66 40.86 -4.63
N ASN A 415 9.19 39.85 -3.94
CA ASN A 415 9.87 38.77 -4.63
C ASN A 415 8.89 37.94 -5.49
N ARG A 416 7.61 37.97 -5.15
CA ARG A 416 6.59 37.27 -5.94
C ARG A 416 6.22 38.18 -7.11
N LYS A 417 6.90 39.33 -7.18
CA LYS A 417 6.67 40.33 -8.21
C LYS A 417 5.30 40.97 -8.00
N LEU A 418 4.83 40.99 -6.76
CA LEU A 418 3.52 41.59 -6.47
C LEU A 418 3.73 42.98 -5.85
N PHE A 419 4.43 43.83 -6.59
CA PHE A 419 4.76 45.19 -6.15
C PHE A 419 3.55 46.06 -5.88
N HIS A 420 2.40 45.72 -6.45
CA HIS A 420 1.20 46.52 -6.23
C HIS A 420 0.21 45.84 -5.28
N ARG A 421 0.74 44.97 -4.43
CA ARG A 421 -0.07 44.26 -3.45
C ARG A 421 0.27 44.79 -2.04
N GLU A 422 -0.76 45.13 -1.28
CA GLU A 422 -0.57 45.63 0.07
C GLU A 422 -0.09 44.52 1.00
N VAL A 423 0.78 44.89 1.94
CA VAL A 423 1.31 43.94 2.90
C VAL A 423 0.15 43.15 3.52
N ASN A 424 0.36 41.86 3.72
CA ASN A 424 -0.66 40.97 4.30
C ASN A 424 -1.86 40.67 3.42
N ASP A 425 -1.89 41.24 2.21
CA ASP A 425 -2.99 40.95 1.28
C ASP A 425 -2.45 39.74 0.54
N LEU A 426 -2.82 38.55 0.97
CA LEU A 426 -2.29 37.33 0.36
C LEU A 426 -2.74 36.99 -1.05
N GLY A 427 -3.64 37.78 -1.62
CA GLY A 427 -4.09 37.48 -2.97
C GLY A 427 -5.19 36.44 -2.98
N PRO A 428 -5.63 35.99 -4.17
CA PRO A 428 -6.69 35.00 -4.34
C PRO A 428 -6.33 33.57 -3.97
N ILE A 429 -6.09 33.35 -2.67
CA ILE A 429 -5.74 32.04 -2.16
C ILE A 429 -6.99 31.28 -1.72
N TYR A 430 -6.79 30.11 -1.12
CA TYR A 430 -7.86 29.23 -0.66
C TYR A 430 -9.24 29.84 -0.41
N GLY A 431 -9.33 30.70 0.59
CA GLY A 431 -10.59 31.33 0.92
C GLY A 431 -11.31 31.92 -0.28
N PHE A 432 -10.57 32.67 -1.07
CA PHE A 432 -11.14 33.31 -2.26
C PHE A 432 -11.57 32.29 -3.30
N GLN A 433 -10.80 31.21 -3.46
CA GLN A 433 -11.12 30.17 -4.44
C GLN A 433 -12.31 29.31 -4.03
N TRP A 434 -12.42 29.02 -2.74
CA TRP A 434 -13.51 28.20 -2.22
C TRP A 434 -14.86 28.89 -2.36
N ARG A 435 -14.88 30.21 -2.21
CA ARG A 435 -16.12 30.95 -2.30
C ARG A 435 -16.32 31.77 -3.59
N HIS A 436 -15.24 32.08 -4.31
CA HIS A 436 -15.37 32.92 -5.51
C HIS A 436 -14.54 32.53 -6.72
N PHE A 437 -14.21 31.25 -6.87
CA PHE A 437 -13.42 30.79 -8.00
C PHE A 437 -13.94 31.36 -9.32
N GLY A 438 -13.06 32.07 -10.04
CA GLY A 438 -13.44 32.64 -11.32
C GLY A 438 -13.57 34.15 -11.33
N ALA A 439 -13.83 34.72 -10.16
CA ALA A 439 -13.98 36.14 -10.02
C ALA A 439 -12.59 36.78 -10.17
N GLU A 440 -12.54 38.07 -10.50
CA GLU A 440 -11.26 38.74 -10.63
C GLU A 440 -10.90 39.31 -9.26
N TYR A 441 -9.75 38.93 -8.75
CA TYR A 441 -9.34 39.44 -7.44
C TYR A 441 -9.02 40.92 -7.59
N THR A 442 -9.41 41.72 -6.60
CA THR A 442 -9.12 43.15 -6.62
C THR A 442 -8.19 43.37 -5.44
N ASN A 443 -8.74 43.40 -4.22
CA ASN A 443 -7.96 43.53 -3.01
C ASN A 443 -8.68 42.79 -1.88
N MET A 444 -8.00 42.60 -0.75
CA MET A 444 -8.57 41.86 0.37
C MET A 444 -9.77 42.51 1.08
N TYR A 445 -9.99 43.81 0.87
CA TYR A 445 -11.10 44.48 1.54
C TYR A 445 -12.37 44.50 0.70
N ASP A 446 -12.27 44.06 -0.55
CA ASP A 446 -13.40 44.03 -1.46
C ASP A 446 -14.46 43.02 -1.04
N ASN A 447 -15.71 43.36 -1.34
CA ASN A 447 -16.84 42.49 -1.05
C ASN A 447 -17.12 41.76 -2.36
N TYR A 448 -16.88 40.46 -2.39
CA TYR A 448 -17.11 39.68 -3.60
C TYR A 448 -18.43 38.94 -3.59
N GLU A 449 -19.41 39.44 -2.84
CA GLU A 449 -20.71 38.78 -2.76
C GLU A 449 -21.24 38.39 -4.13
N ASN A 450 -21.63 37.13 -4.25
CA ASN A 450 -22.18 36.58 -5.48
C ASN A 450 -21.31 36.74 -6.73
N LYS A 451 -19.99 36.77 -6.51
CA LYS A 451 -19.03 36.88 -7.61
C LYS A 451 -18.28 35.56 -7.64
N GLY A 452 -18.05 35.03 -8.83
CA GLY A 452 -17.34 33.78 -8.94
C GLY A 452 -18.16 32.57 -8.53
N VAL A 453 -17.53 31.41 -8.46
CA VAL A 453 -18.21 30.18 -8.09
C VAL A 453 -17.99 29.81 -6.64
N ASP A 454 -19.09 29.70 -5.89
CA ASP A 454 -19.01 29.31 -4.48
C ASP A 454 -18.92 27.78 -4.44
N GLN A 455 -17.70 27.27 -4.58
CA GLN A 455 -17.48 25.83 -4.57
C GLN A 455 -17.96 25.22 -3.28
N LEU A 456 -17.63 25.88 -2.16
CA LEU A 456 -18.01 25.36 -0.86
C LEU A 456 -19.50 25.07 -0.76
N LYS A 457 -20.35 26.04 -1.08
CA LYS A 457 -21.78 25.83 -1.02
C LYS A 457 -22.18 24.73 -1.98
N ASN A 458 -21.54 24.70 -3.15
CA ASN A 458 -21.85 23.69 -4.14
C ASN A 458 -21.59 22.27 -3.65
N ILE A 459 -20.42 22.01 -3.05
CA ILE A 459 -20.15 20.64 -2.60
C ILE A 459 -21.08 20.22 -1.49
N ILE A 460 -21.47 21.17 -0.65
CA ILE A 460 -22.37 20.85 0.45
C ILE A 460 -23.72 20.42 -0.11
N ASN A 461 -24.16 21.05 -1.21
CA ASN A 461 -25.43 20.69 -1.82
C ASN A 461 -25.38 19.36 -2.57
N LEU A 462 -24.27 19.10 -3.25
CA LEU A 462 -24.14 17.84 -3.97
C LEU A 462 -24.18 16.70 -2.95
N ILE A 463 -23.47 16.88 -1.84
CA ILE A 463 -23.43 15.87 -0.78
C ILE A 463 -24.82 15.63 -0.19
N LYS A 464 -25.61 16.69 -0.08
CA LYS A 464 -26.96 16.60 0.47
C LYS A 464 -27.97 16.01 -0.51
N ASN A 465 -27.99 16.53 -1.73
CA ASN A 465 -28.97 16.10 -2.74
C ASN A 465 -28.52 15.10 -3.79
N ASP A 466 -27.22 14.89 -3.94
CA ASP A 466 -26.74 13.96 -4.94
C ASP A 466 -25.49 13.27 -4.38
N PRO A 467 -25.64 12.60 -3.23
CA PRO A 467 -24.58 11.89 -2.51
C PRO A 467 -23.71 10.94 -3.32
N THR A 468 -24.27 10.31 -4.35
CA THR A 468 -23.49 9.36 -5.16
C THR A 468 -22.70 10.03 -6.29
N SER A 469 -22.76 11.35 -6.36
CA SER A 469 -22.02 12.07 -7.39
C SER A 469 -20.53 11.82 -7.25
N ARG A 470 -19.88 11.67 -8.39
CA ARG A 470 -18.44 11.44 -8.43
C ARG A 470 -17.80 12.75 -8.88
N ARG A 471 -18.48 13.86 -8.63
CA ARG A 471 -18.01 15.18 -9.02
C ARG A 471 -17.98 16.16 -7.87
N ILE A 472 -17.96 15.64 -6.65
CA ILE A 472 -17.94 16.50 -5.49
C ILE A 472 -16.49 16.88 -5.11
N LEU A 473 -15.97 17.91 -5.77
CA LEU A 473 -14.60 18.36 -5.50
C LEU A 473 -14.51 19.83 -5.17
N LEU A 474 -13.56 20.16 -4.29
CA LEU A 474 -13.32 21.54 -3.90
C LEU A 474 -11.88 21.71 -4.39
N CYS A 475 -11.67 22.57 -5.38
CA CYS A 475 -10.34 22.79 -5.94
C CYS A 475 -9.81 24.20 -5.67
N ALA A 476 -8.59 24.27 -5.17
CA ALA A 476 -7.95 25.54 -4.86
C ALA A 476 -6.93 25.95 -5.92
N TRP A 477 -6.52 24.99 -6.74
CA TRP A 477 -5.52 25.28 -7.76
C TRP A 477 -6.10 25.96 -8.98
N ASN A 478 -6.29 27.28 -8.87
CA ASN A 478 -6.83 28.07 -9.97
C ASN A 478 -5.65 28.53 -10.81
N VAL A 479 -5.40 27.80 -11.88
CA VAL A 479 -4.29 28.07 -12.78
C VAL A 479 -4.16 29.55 -13.15
N LYS A 480 -5.29 30.19 -13.39
CA LYS A 480 -5.29 31.59 -13.79
C LYS A 480 -4.82 32.57 -12.73
N ASP A 481 -5.15 32.30 -11.46
CA ASP A 481 -4.79 33.19 -10.38
C ASP A 481 -3.50 32.86 -9.64
N LEU A 482 -2.88 31.74 -10.01
CA LEU A 482 -1.65 31.29 -9.36
C LEU A 482 -0.61 32.39 -9.10
N ASP A 483 -0.23 33.13 -10.12
CA ASP A 483 0.78 34.18 -9.96
C ASP A 483 0.34 35.35 -9.09
N GLN A 484 -0.97 35.47 -8.86
CA GLN A 484 -1.49 36.55 -8.04
C GLN A 484 -1.51 36.17 -6.56
N MET A 485 -1.32 34.90 -6.27
CA MET A 485 -1.32 34.41 -4.89
C MET A 485 0.05 34.61 -4.27
N ALA A 486 0.10 34.85 -2.96
CA ALA A 486 1.38 35.01 -2.26
C ALA A 486 2.21 33.79 -2.65
N LEU A 487 1.56 32.64 -2.74
CA LEU A 487 2.19 31.40 -3.17
C LEU A 487 1.11 30.39 -3.51
N PRO A 488 1.31 29.60 -4.59
CA PRO A 488 0.32 28.61 -4.99
C PRO A 488 -0.03 27.63 -3.88
N PRO A 489 -1.27 27.12 -3.88
CA PRO A 489 -1.71 26.17 -2.85
C PRO A 489 -0.96 24.84 -2.81
N CYS A 490 -0.77 24.30 -1.60
CA CYS A 490 -0.12 23.01 -1.45
C CYS A 490 -1.19 21.95 -1.47
N HIS A 491 -2.37 22.32 -1.00
CA HIS A 491 -3.50 21.42 -0.95
C HIS A 491 -4.36 21.69 -2.16
N ILE A 492 -4.08 20.94 -3.22
CA ILE A 492 -4.75 21.09 -4.51
C ILE A 492 -6.26 20.95 -4.51
N LEU A 493 -6.78 19.87 -3.94
CA LEU A 493 -8.22 19.64 -3.94
C LEU A 493 -8.68 18.66 -2.89
N CYS A 494 -10.00 18.65 -2.68
CA CYS A 494 -10.65 17.75 -1.75
C CYS A 494 -11.77 17.09 -2.53
N GLN A 495 -11.89 15.77 -2.43
CA GLN A 495 -12.97 15.07 -3.10
C GLN A 495 -13.72 14.31 -2.01
N PHE A 496 -15.05 14.30 -2.13
CA PHE A 496 -15.88 13.62 -1.16
C PHE A 496 -16.58 12.39 -1.68
N TYR A 497 -16.78 11.44 -0.78
CA TYR A 497 -17.42 10.18 -1.09
C TYR A 497 -18.48 9.96 -0.01
N VAL A 498 -19.67 9.53 -0.42
CA VAL A 498 -20.75 9.30 0.52
C VAL A 498 -21.33 7.90 0.38
N PHE A 499 -21.36 7.16 1.49
CA PHE A 499 -21.93 5.83 1.50
C PHE A 499 -22.57 5.55 2.85
N ASP A 500 -23.74 4.91 2.81
CA ASP A 500 -24.48 4.52 4.01
C ASP A 500 -24.47 5.58 5.11
N GLY A 501 -24.80 6.81 4.74
CA GLY A 501 -24.83 7.90 5.70
C GLY A 501 -23.48 8.31 6.27
N LYS A 502 -22.40 7.98 5.58
CA LYS A 502 -21.04 8.29 6.03
C LYS A 502 -20.20 9.05 4.98
N LEU A 503 -19.51 10.10 5.43
CA LEU A 503 -18.70 10.93 4.57
C LEU A 503 -17.20 10.69 4.64
N SER A 504 -16.59 10.44 3.48
CA SER A 504 -15.15 10.25 3.41
C SER A 504 -14.56 11.39 2.57
N CYS A 505 -13.30 11.70 2.80
CA CYS A 505 -12.65 12.81 2.10
C CYS A 505 -11.20 12.54 1.68
N ILE A 506 -10.91 12.81 0.41
CA ILE A 506 -9.55 12.67 -0.11
C ILE A 506 -9.01 14.06 -0.37
N MET A 507 -7.77 14.30 0.03
CA MET A 507 -7.14 15.58 -0.23
C MET A 507 -5.79 15.32 -0.87
N TYR A 508 -5.54 15.96 -2.00
CA TYR A 508 -4.28 15.77 -2.72
C TYR A 508 -3.31 16.90 -2.38
N GLN A 509 -2.16 16.53 -1.82
CA GLN A 509 -1.16 17.54 -1.48
C GLN A 509 0.01 17.44 -2.46
N ARG A 510 0.20 18.47 -3.28
CA ARG A 510 1.26 18.51 -4.28
C ARG A 510 2.67 18.57 -3.67
N SER A 511 2.81 19.32 -2.60
CA SER A 511 4.10 19.47 -1.92
C SER A 511 3.88 19.24 -0.44
N CYS A 512 4.66 18.34 0.15
CA CYS A 512 4.45 18.02 1.56
C CYS A 512 5.71 18.00 2.40
N ASP A 513 5.78 18.91 3.35
CA ASP A 513 6.89 19.00 4.28
C ASP A 513 6.50 18.06 5.39
N LEU A 514 7.08 16.87 5.40
CA LEU A 514 6.73 15.87 6.40
C LEU A 514 6.97 16.26 7.84
N GLY A 515 8.12 16.87 8.11
CA GLY A 515 8.46 17.27 9.46
C GLY A 515 7.63 18.38 10.09
N LEU A 516 7.18 19.35 9.30
CA LEU A 516 6.41 20.46 9.85
C LEU A 516 4.98 20.63 9.39
N GLY A 517 4.76 20.66 8.08
CA GLY A 517 3.43 20.88 7.58
C GLY A 517 2.41 19.75 7.65
N VAL A 518 2.81 18.56 7.19
CA VAL A 518 1.94 17.40 7.17
C VAL A 518 1.19 17.15 8.49
N PRO A 519 1.89 17.18 9.63
CA PRO A 519 1.18 16.95 10.90
C PRO A 519 -0.04 17.86 11.03
N PHE A 520 0.15 19.14 10.73
CA PHE A 520 -0.94 20.11 10.82
C PHE A 520 -1.97 19.89 9.71
N ASN A 521 -1.48 19.53 8.53
CA ASN A 521 -2.35 19.31 7.38
C ASN A 521 -3.32 18.14 7.65
N ILE A 522 -2.82 17.10 8.30
CA ILE A 522 -3.64 15.95 8.63
C ILE A 522 -4.78 16.41 9.55
N ALA A 523 -4.43 17.22 10.54
CA ALA A 523 -5.43 17.73 11.48
C ALA A 523 -6.42 18.69 10.80
N SER A 524 -5.91 19.61 10.00
CA SER A 524 -6.76 20.58 9.31
C SER A 524 -7.87 19.91 8.50
N TYR A 525 -7.49 18.97 7.64
CA TYR A 525 -8.50 18.35 6.81
C TYR A 525 -9.38 17.33 7.53
N SER A 526 -8.89 16.77 8.62
CA SER A 526 -9.70 15.84 9.37
C SER A 526 -10.79 16.65 10.04
N ILE A 527 -10.44 17.83 10.55
CA ILE A 527 -11.43 18.67 11.20
C ILE A 527 -12.45 19.12 10.18
N PHE A 528 -11.96 19.55 9.02
CA PHE A 528 -12.82 20.01 7.95
C PHE A 528 -13.82 18.92 7.55
N THR A 529 -13.37 17.67 7.51
CA THR A 529 -14.25 16.56 7.14
C THR A 529 -15.38 16.38 8.16
N HIS A 530 -15.04 16.55 9.44
CA HIS A 530 -16.04 16.43 10.50
C HIS A 530 -17.08 17.52 10.29
N MET A 531 -16.58 18.74 10.00
CA MET A 531 -17.45 19.88 9.77
C MET A 531 -18.42 19.66 8.61
N ILE A 532 -17.89 19.29 7.45
CA ILE A 532 -18.75 19.06 6.31
C ILE A 532 -19.77 17.98 6.63
N ALA A 533 -19.33 16.87 7.23
CA ALA A 533 -20.26 15.80 7.56
C ALA A 533 -21.41 16.26 8.45
N GLN A 534 -21.08 16.98 9.52
CA GLN A 534 -22.12 17.43 10.43
C GLN A 534 -23.19 18.27 9.74
N VAL A 535 -22.80 19.37 9.10
CA VAL A 535 -23.78 20.23 8.43
C VAL A 535 -24.53 19.52 7.31
N CYS A 536 -24.09 18.32 6.96
CA CYS A 536 -24.76 17.55 5.91
C CYS A 536 -25.51 16.36 6.49
N ASN A 537 -25.56 16.28 7.82
CA ASN A 537 -26.25 15.22 8.52
C ASN A 537 -25.67 13.83 8.26
N LEU A 538 -24.35 13.75 8.18
CA LEU A 538 -23.70 12.47 7.94
C LEU A 538 -22.69 12.22 9.05
N GLN A 539 -22.10 11.03 9.05
CA GLN A 539 -21.09 10.69 10.04
C GLN A 539 -19.74 10.67 9.34
N PRO A 540 -18.68 11.15 10.03
CA PRO A 540 -17.33 11.17 9.46
C PRO A 540 -16.81 9.75 9.32
N ALA A 541 -16.23 9.43 8.17
CA ALA A 541 -15.69 8.10 7.98
C ALA A 541 -14.19 8.25 7.82
N GLN A 542 -13.69 8.13 6.60
CA GLN A 542 -12.26 8.23 6.39
C GLN A 542 -11.76 9.53 5.84
N PHE A 543 -10.54 9.88 6.23
CA PHE A 543 -9.88 11.04 5.68
C PHE A 543 -8.68 10.42 4.97
N ILE A 544 -8.63 10.57 3.66
CA ILE A 544 -7.58 9.99 2.86
C ILE A 544 -6.64 11.08 2.35
N HIS A 545 -5.38 10.98 2.76
CA HIS A 545 -4.37 11.96 2.41
C HIS A 545 -3.43 11.42 1.32
N VAL A 546 -3.40 12.09 0.18
CA VAL A 546 -2.53 11.68 -0.92
C VAL A 546 -1.35 12.65 -0.99
N LEU A 547 -0.13 12.12 -0.93
CA LEU A 547 1.05 12.97 -0.97
C LEU A 547 1.74 12.90 -2.33
N GLY A 548 1.92 14.06 -2.95
CA GLY A 548 2.61 14.12 -4.22
C GLY A 548 4.10 14.14 -3.95
N ASN A 549 4.70 15.33 -3.93
CA ASN A 549 6.13 15.45 -3.65
C ASN A 549 6.31 15.47 -2.14
N ALA A 550 6.71 14.32 -1.58
CA ALA A 550 6.91 14.20 -0.14
C ALA A 550 8.38 14.42 0.22
N HIS A 551 8.65 15.41 1.07
CA HIS A 551 10.03 15.65 1.41
C HIS A 551 10.33 15.87 2.88
N VAL A 552 11.56 15.53 3.26
CA VAL A 552 12.06 15.72 4.59
C VAL A 552 13.23 16.70 4.44
N TYR A 553 13.10 17.89 5.00
CA TYR A 553 14.17 18.87 4.91
C TYR A 553 15.37 18.36 5.68
N ASN A 554 16.56 18.59 5.12
CA ASN A 554 17.80 18.13 5.73
C ASN A 554 18.00 18.54 7.17
N ASN A 555 17.49 19.71 7.56
CA ASN A 555 17.66 20.17 8.93
C ASN A 555 16.61 19.61 9.89
N HIS A 556 15.70 18.79 9.38
CA HIS A 556 14.68 18.19 10.23
C HIS A 556 15.06 16.79 10.65
N ILE A 557 15.98 16.19 9.91
CA ILE A 557 16.42 14.81 10.15
C ILE A 557 16.70 14.40 11.58
N ASP A 558 17.60 15.11 12.26
CA ASP A 558 17.95 14.74 13.63
C ASP A 558 16.75 14.73 14.55
N SER A 559 15.85 15.69 14.39
CA SER A 559 14.66 15.74 15.22
C SER A 559 13.71 14.59 14.84
N LEU A 560 13.66 14.26 13.57
CA LEU A 560 12.79 13.19 13.10
C LEU A 560 13.31 11.82 13.55
N LYS A 561 14.62 11.71 13.76
CA LYS A 561 15.20 10.45 14.24
C LYS A 561 14.66 10.24 15.65
N ILE A 562 14.72 11.29 16.45
CA ILE A 562 14.23 11.20 17.81
C ILE A 562 12.76 10.78 17.79
N GLN A 563 11.95 11.51 17.03
CA GLN A 563 10.53 11.22 16.91
C GLN A 563 10.22 9.79 16.51
N LEU A 564 10.90 9.27 15.50
CA LEU A 564 10.63 7.91 15.07
C LEU A 564 10.86 6.84 16.13
N ASN A 565 11.59 7.18 17.19
CA ASN A 565 11.85 6.22 18.24
C ASN A 565 10.92 6.34 19.42
N ARG A 566 9.91 7.19 19.29
CA ARG A 566 8.92 7.38 20.34
C ARG A 566 7.72 6.52 19.97
N ILE A 567 7.10 5.88 20.96
CA ILE A 567 5.94 5.05 20.69
C ILE A 567 4.65 5.81 20.90
N PRO A 568 3.79 5.80 19.87
CA PRO A 568 2.49 6.47 19.85
C PRO A 568 1.56 6.15 21.02
N TYR A 569 0.76 7.13 21.42
CA TYR A 569 -0.23 6.99 22.48
C TYR A 569 -1.55 6.94 21.75
N PRO A 570 -2.61 6.44 22.40
CA PRO A 570 -3.88 6.40 21.67
C PRO A 570 -4.29 7.82 21.28
N PHE A 571 -4.84 7.96 20.08
CA PHE A 571 -5.28 9.27 19.61
C PHE A 571 -6.36 9.86 20.48
N PRO A 572 -6.55 11.18 20.40
CA PRO A 572 -7.58 11.87 21.18
C PRO A 572 -8.86 11.85 20.35
N THR A 573 -9.81 12.71 20.71
CA THR A 573 -11.07 12.79 19.98
C THR A 573 -11.45 14.24 19.75
N LEU A 574 -12.25 14.47 18.72
CA LEU A 574 -12.69 15.81 18.39
C LEU A 574 -14.18 15.96 18.60
N LYS A 575 -14.58 17.00 19.32
CA LYS A 575 -15.99 17.25 19.54
C LYS A 575 -16.41 18.59 18.97
N LEU A 576 -17.45 18.56 18.15
CA LEU A 576 -17.98 19.77 17.53
C LEU A 576 -19.29 20.11 18.22
N ASN A 577 -19.57 21.41 18.34
CA ASN A 577 -20.82 21.83 18.93
C ASN A 577 -21.90 21.23 18.04
N PRO A 578 -22.67 20.27 18.56
CA PRO A 578 -23.73 19.63 17.76
C PRO A 578 -24.82 20.56 17.23
N ASP A 579 -24.91 21.77 17.76
CA ASP A 579 -25.93 22.71 17.32
C ASP A 579 -25.69 23.38 15.97
N ILE A 580 -24.42 23.60 15.63
CA ILE A 580 -24.07 24.25 14.35
C ILE A 580 -24.59 23.44 13.18
N LYS A 581 -25.42 24.05 12.33
CA LYS A 581 -25.99 23.36 11.19
C LYS A 581 -25.55 23.93 9.84
N ASN A 582 -24.77 25.00 9.89
CA ASN A 582 -24.25 25.62 8.68
C ASN A 582 -22.74 25.76 8.77
N ILE A 583 -22.06 25.39 7.68
CA ILE A 583 -20.59 25.45 7.65
C ILE A 583 -20.05 26.84 8.00
N GLU A 584 -20.85 27.87 7.82
CA GLU A 584 -20.42 29.24 8.11
C GLU A 584 -20.70 29.70 9.53
N ASP A 585 -21.47 28.93 10.29
CA ASP A 585 -21.81 29.32 11.65
C ASP A 585 -20.86 28.82 12.74
N PHE A 586 -19.73 28.23 12.33
CA PHE A 586 -18.75 27.72 13.29
C PHE A 586 -17.84 28.81 13.86
N THR A 587 -17.50 28.69 15.14
CA THR A 587 -16.59 29.63 15.78
C THR A 587 -15.60 28.80 16.58
N ILE A 588 -14.46 29.38 16.90
CA ILE A 588 -13.41 28.68 17.63
C ILE A 588 -13.84 27.87 18.87
N SER A 589 -14.88 28.29 19.57
CA SER A 589 -15.32 27.57 20.77
C SER A 589 -16.29 26.43 20.48
N ASP A 590 -16.46 26.08 19.21
CA ASP A 590 -17.34 24.99 18.82
C ASP A 590 -16.51 23.73 18.65
N PHE A 591 -15.19 23.86 18.83
CA PHE A 591 -14.28 22.73 18.69
C PHE A 591 -13.65 22.35 20.01
N THR A 592 -13.52 21.04 20.24
CA THR A 592 -12.91 20.55 21.48
C THR A 592 -12.10 19.28 21.24
N ILE A 593 -10.81 19.33 21.53
CA ILE A 593 -9.94 18.18 21.38
C ILE A 593 -9.86 17.59 22.78
N GLN A 594 -10.28 16.33 22.92
CA GLN A 594 -10.26 15.70 24.23
C GLN A 594 -9.24 14.58 24.36
N ASN A 595 -8.75 14.40 25.58
CA ASN A 595 -7.80 13.35 25.90
C ASN A 595 -6.58 13.27 24.99
N TYR A 596 -5.97 14.42 24.75
CA TYR A 596 -4.78 14.44 23.91
C TYR A 596 -3.58 14.09 24.79
N VAL A 597 -3.07 12.88 24.62
CA VAL A 597 -1.90 12.41 25.36
C VAL A 597 -0.78 12.45 24.30
N HIS A 598 0.32 13.10 24.63
CA HIS A 598 1.38 13.24 23.66
C HIS A 598 2.77 13.28 24.29
N HIS A 599 3.78 13.13 23.45
CA HIS A 599 5.15 13.18 23.90
C HIS A 599 5.56 14.65 23.99
N GLU A 600 6.78 14.87 24.49
CA GLU A 600 7.33 16.21 24.63
C GLU A 600 7.41 16.88 23.28
N LYS A 601 7.17 18.18 23.24
CA LYS A 601 7.22 18.89 21.96
C LYS A 601 8.66 18.89 21.44
N ILE A 602 8.78 18.86 20.12
CA ILE A 602 10.08 18.85 19.48
C ILE A 602 10.20 20.03 18.53
N SER A 603 11.40 20.55 18.40
CA SER A 603 11.65 21.65 17.48
C SER A 603 12.34 20.98 16.29
N MET A 604 11.63 20.91 15.16
CA MET A 604 12.17 20.28 13.97
C MET A 604 13.47 20.92 13.55
N ASP A 605 13.59 22.21 13.81
CA ASP A 605 14.79 22.95 13.49
C ASP A 605 15.48 23.28 14.82
N MET A 606 16.57 22.58 15.10
CA MET A 606 17.30 22.80 16.34
C MET A 606 18.37 23.89 16.28
N ALA A 607 18.16 24.87 15.40
CA ALA A 607 19.11 25.97 15.26
C ALA A 607 18.89 27.01 16.38
N ALA A 608 19.97 27.37 17.06
CA ALA A 608 19.89 28.35 18.16
C ALA A 608 20.90 29.49 18.01
N GLN B 4 5.90 -40.89 -8.19
CA GLN B 4 6.09 -39.67 -7.36
C GLN B 4 7.56 -39.59 -6.93
N VAL B 5 8.45 -39.81 -7.89
CA VAL B 5 9.90 -39.77 -7.63
C VAL B 5 10.47 -38.37 -7.84
N CYS B 6 9.93 -37.63 -8.81
CA CYS B 6 10.39 -36.29 -9.11
C CYS B 6 10.21 -35.37 -7.89
N ASP B 7 9.32 -35.77 -6.99
CA ASP B 7 9.05 -35.01 -5.77
C ASP B 7 9.98 -35.45 -4.65
N VAL B 8 10.46 -36.68 -4.73
CA VAL B 8 11.37 -37.22 -3.73
C VAL B 8 12.78 -36.66 -3.84
N PHE B 9 13.36 -36.70 -5.03
CA PHE B 9 14.72 -36.21 -5.23
C PHE B 9 14.79 -34.72 -5.59
N ASP B 10 13.65 -34.03 -5.53
CA ASP B 10 13.60 -32.60 -5.84
C ASP B 10 14.19 -32.32 -7.23
N ILE B 11 13.55 -32.86 -8.26
CA ILE B 11 14.02 -32.64 -9.61
C ILE B 11 13.24 -31.52 -10.27
N TYR B 12 13.94 -30.44 -10.62
CA TYR B 12 13.33 -29.29 -11.25
C TYR B 12 13.96 -29.01 -12.60
N ALA B 13 13.26 -28.23 -13.42
CA ALA B 13 13.75 -27.87 -14.74
C ALA B 13 13.71 -26.34 -14.86
N ILE B 14 14.85 -25.76 -15.23
CA ILE B 14 14.94 -24.32 -15.39
C ILE B 14 15.30 -24.01 -16.84
N CYS B 15 14.58 -23.09 -17.45
CA CYS B 15 14.80 -22.72 -18.84
C CYS B 15 14.47 -21.27 -19.12
N VAL B 16 14.62 -20.90 -20.39
CA VAL B 16 14.35 -19.54 -20.86
C VAL B 16 13.98 -19.62 -22.34
N CYS B 17 12.73 -19.27 -22.66
CA CYS B 17 12.27 -19.33 -24.03
C CYS B 17 11.83 -17.98 -24.57
N CYS B 18 12.15 -17.73 -25.83
CA CYS B 18 11.76 -16.50 -26.50
C CYS B 18 10.61 -16.84 -27.43
N LYS B 19 10.29 -15.93 -28.34
CA LYS B 19 9.21 -16.16 -29.29
C LYS B 19 9.77 -16.60 -30.64
N VAL B 20 9.04 -17.47 -31.32
CA VAL B 20 9.48 -18.00 -32.60
C VAL B 20 9.13 -17.13 -33.79
N GLU B 21 10.06 -17.04 -34.74
CA GLU B 21 9.91 -16.26 -35.95
C GLU B 21 9.08 -17.07 -36.95
N SER B 22 9.01 -16.60 -38.19
CA SER B 22 8.27 -17.29 -39.24
C SER B 22 8.64 -16.78 -40.62
N LYS B 23 8.39 -17.60 -41.63
CA LYS B 23 8.68 -17.25 -43.02
C LYS B 23 7.37 -16.81 -43.67
N ASN B 24 6.26 -17.27 -43.10
CA ASN B 24 4.92 -16.95 -43.59
C ASN B 24 4.47 -15.62 -42.98
N GLU B 25 4.81 -15.42 -41.71
CA GLU B 25 4.47 -14.19 -40.98
C GLU B 25 5.34 -14.00 -39.75
N GLY B 26 6.31 -13.11 -39.85
CA GLY B 26 7.20 -12.85 -38.74
C GLY B 26 6.94 -11.52 -38.04
N LYS B 27 7.38 -11.44 -36.78
CA LYS B 27 7.24 -10.24 -35.95
C LYS B 27 5.91 -10.15 -35.19
N LYS B 28 4.87 -10.80 -35.70
CA LYS B 28 3.55 -10.76 -35.04
C LYS B 28 2.82 -12.11 -35.07
N ASN B 29 1.91 -12.28 -34.11
CA ASN B 29 1.10 -13.50 -33.99
C ASN B 29 -0.37 -13.13 -33.85
N GLU B 30 -1.27 -14.03 -34.25
CA GLU B 30 -2.69 -13.75 -34.14
C GLU B 30 -3.18 -14.09 -32.73
N VAL B 31 -3.08 -15.37 -32.37
CA VAL B 31 -3.51 -15.82 -31.06
C VAL B 31 -2.32 -16.15 -30.15
N PHE B 32 -2.51 -15.93 -28.86
CA PHE B 32 -1.44 -16.19 -27.90
C PHE B 32 -1.84 -17.17 -26.81
N ASN B 33 -0.85 -17.89 -26.30
CA ASN B 33 -1.03 -18.86 -25.23
C ASN B 33 0.37 -19.12 -24.67
N ASN B 34 0.48 -19.90 -23.61
CA ASN B 34 1.78 -20.18 -23.02
C ASN B 34 2.78 -20.76 -24.01
N TYR B 35 2.30 -21.53 -24.98
CA TYR B 35 3.18 -22.14 -25.97
C TYR B 35 3.82 -21.09 -26.86
N THR B 36 3.36 -19.85 -26.75
CA THR B 36 3.90 -18.74 -27.54
C THR B 36 5.40 -18.62 -27.27
N PHE B 37 5.79 -18.92 -26.04
CA PHE B 37 7.19 -18.85 -25.62
C PHE B 37 7.81 -20.24 -25.65
N ARG B 38 8.62 -20.52 -26.67
CA ARG B 38 9.24 -21.84 -26.79
C ARG B 38 10.65 -21.89 -27.37
N GLY B 39 11.10 -20.80 -28.01
CA GLY B 39 12.43 -20.80 -28.60
C GLY B 39 13.53 -21.10 -27.61
N LEU B 40 14.23 -22.22 -27.81
CA LEU B 40 15.32 -22.62 -26.92
C LEU B 40 16.72 -22.31 -27.44
N GLY B 41 16.96 -22.59 -28.71
CA GLY B 41 18.28 -22.34 -29.26
C GLY B 41 18.34 -22.27 -30.78
N ASN B 42 19.47 -21.78 -31.29
CA ASN B 42 19.65 -21.66 -32.73
C ASN B 42 21.12 -21.90 -33.10
N LYS B 43 21.35 -22.93 -33.91
CA LYS B 43 22.68 -23.29 -34.37
C LYS B 43 23.68 -23.44 -33.22
N GLY B 44 23.42 -24.41 -32.36
CA GLY B 44 24.30 -24.68 -31.24
C GLY B 44 24.27 -23.69 -30.08
N VAL B 45 23.90 -22.44 -30.39
CA VAL B 45 23.84 -21.40 -29.37
C VAL B 45 22.41 -20.95 -29.08
N LEU B 46 22.28 -19.90 -28.27
CA LEU B 46 20.96 -19.37 -27.91
C LEU B 46 20.46 -18.38 -28.98
N PRO B 47 19.14 -18.31 -29.19
CA PRO B 47 18.49 -17.43 -30.16
C PRO B 47 18.96 -15.98 -30.06
N TRP B 48 18.99 -15.47 -28.83
CA TRP B 48 19.44 -14.11 -28.56
C TRP B 48 20.89 -14.21 -28.12
N LYS B 49 21.67 -13.16 -28.39
CA LYS B 49 23.09 -13.16 -28.02
C LYS B 49 23.25 -13.67 -26.60
N CYS B 50 22.68 -12.91 -25.66
CA CYS B 50 22.71 -13.28 -24.25
C CYS B 50 21.76 -12.34 -23.51
N ASN B 51 21.48 -12.65 -22.25
CA ASN B 51 20.60 -11.82 -21.45
C ASN B 51 21.12 -11.76 -20.02
N SER B 52 21.84 -10.69 -19.73
CA SER B 52 22.45 -10.45 -18.43
C SER B 52 21.58 -10.75 -17.22
N LEU B 53 20.31 -10.34 -17.28
CA LEU B 53 19.42 -10.57 -16.13
C LEU B 53 19.05 -12.04 -15.98
N ASP B 54 18.65 -12.68 -17.06
CA ASP B 54 18.28 -14.09 -17.02
C ASP B 54 19.48 -14.89 -16.51
N MET B 55 20.66 -14.51 -16.99
CA MET B 55 21.91 -15.14 -16.60
C MET B 55 22.08 -15.02 -15.08
N LYS B 56 21.79 -13.84 -14.56
CA LYS B 56 21.89 -13.57 -13.15
C LYS B 56 20.87 -14.39 -12.38
N TYR B 57 19.72 -14.62 -13.01
CA TYR B 57 18.65 -15.39 -12.40
C TYR B 57 19.06 -16.87 -12.35
N PHE B 58 19.55 -17.37 -13.48
CA PHE B 58 19.99 -18.75 -13.58
C PHE B 58 21.02 -19.06 -12.51
N CYS B 59 22.06 -18.23 -12.45
CA CYS B 59 23.12 -18.40 -11.45
C CYS B 59 22.54 -18.43 -10.05
N ALA B 60 21.82 -17.38 -9.69
CA ALA B 60 21.23 -17.28 -8.35
C ALA B 60 20.38 -18.48 -7.93
N VAL B 61 19.77 -19.15 -8.90
CA VAL B 61 18.92 -20.29 -8.58
C VAL B 61 19.68 -21.62 -8.50
N THR B 62 20.48 -21.91 -9.51
CA THR B 62 21.24 -23.16 -9.54
C THR B 62 22.45 -23.21 -8.62
N THR B 63 22.66 -22.16 -7.83
CA THR B 63 23.80 -22.14 -6.91
C THR B 63 23.33 -21.81 -5.50
N TYR B 64 22.01 -21.68 -5.34
CA TYR B 64 21.45 -21.38 -4.03
C TYR B 64 20.99 -22.64 -3.33
N VAL B 65 21.37 -22.78 -2.06
CA VAL B 65 21.01 -23.93 -1.26
C VAL B 65 20.76 -23.50 0.18
N ASN B 66 19.79 -24.14 0.81
CA ASN B 66 19.45 -23.86 2.19
C ASN B 66 19.82 -25.08 3.03
N GLU B 67 21.02 -25.04 3.61
CA GLU B 67 21.51 -26.16 4.41
C GLU B 67 20.56 -26.65 5.50
N SER B 68 19.85 -25.73 6.15
CA SER B 68 18.92 -26.09 7.21
C SER B 68 17.75 -26.93 6.71
N LYS B 69 17.46 -26.84 5.41
CA LYS B 69 16.35 -27.59 4.83
C LYS B 69 16.74 -28.98 4.35
N TYR B 70 18.04 -29.21 4.16
CA TYR B 70 18.54 -30.51 3.70
C TYR B 70 18.08 -31.64 4.60
N GLU B 71 17.50 -31.28 5.74
CA GLU B 71 17.02 -32.24 6.71
C GLU B 71 15.85 -33.07 6.17
N LYS B 72 14.68 -32.45 6.10
CA LYS B 72 13.47 -33.10 5.61
C LYS B 72 13.69 -33.90 4.32
N LEU B 73 14.56 -33.39 3.46
CA LEU B 73 14.86 -34.05 2.19
C LEU B 73 15.65 -35.33 2.43
N LYS B 74 16.52 -35.31 3.44
CA LYS B 74 17.31 -36.48 3.80
C LYS B 74 16.39 -37.50 4.47
N TYR B 75 15.55 -37.00 5.37
CA TYR B 75 14.59 -37.84 6.10
C TYR B 75 13.46 -38.28 5.18
N LYS B 76 13.63 -38.08 3.88
CA LYS B 76 12.61 -38.45 2.92
C LYS B 76 13.20 -39.21 1.73
N ARG B 77 14.41 -38.82 1.33
CA ARG B 77 15.08 -39.46 0.21
C ARG B 77 15.53 -40.87 0.58
N CYS B 78 16.15 -41.00 1.75
CA CYS B 78 16.63 -42.29 2.22
C CYS B 78 15.49 -43.26 2.49
N LYS B 79 14.50 -42.82 3.28
CA LYS B 79 13.36 -43.68 3.60
C LYS B 79 12.76 -44.27 2.33
N TYR B 80 12.80 -43.49 1.25
CA TYR B 80 12.28 -43.96 -0.03
C TYR B 80 13.26 -44.97 -0.62
N LEU B 81 14.53 -44.58 -0.65
CA LEU B 81 15.61 -45.42 -1.19
C LEU B 81 15.67 -46.79 -0.51
N ASN B 82 15.12 -46.88 0.71
CA ASN B 82 15.15 -48.12 1.47
C ASN B 82 16.59 -48.36 1.90
N LYS B 83 17.35 -47.26 1.99
CA LYS B 83 18.75 -47.30 2.38
C LYS B 83 19.28 -45.90 2.69
N GLU B 84 20.18 -45.81 3.67
CA GLU B 84 20.75 -44.54 4.08
C GLU B 84 21.66 -43.97 2.98
N THR B 85 21.58 -42.66 2.74
CA THR B 85 22.40 -42.02 1.72
C THR B 85 23.88 -42.04 2.10
N VAL B 86 24.65 -42.81 1.36
CA VAL B 86 26.09 -42.93 1.63
C VAL B 86 26.89 -41.99 0.73
N LYS B 97 27.91 -28.45 3.62
CA LYS B 97 28.32 -27.69 2.44
C LYS B 97 27.67 -28.27 1.19
N LEU B 98 26.38 -28.59 1.27
CA LEU B 98 25.67 -29.16 0.15
C LEU B 98 25.51 -28.16 -0.99
N GLN B 99 25.51 -28.68 -2.21
CA GLN B 99 25.35 -27.86 -3.41
C GLN B 99 24.13 -28.35 -4.16
N ASN B 100 23.99 -27.92 -5.41
CA ASN B 100 22.88 -28.34 -6.23
C ASN B 100 23.49 -29.10 -7.41
N VAL B 101 22.63 -29.74 -8.19
CA VAL B 101 23.10 -30.50 -9.34
C VAL B 101 22.55 -29.93 -10.64
N VAL B 102 23.41 -29.84 -11.65
CA VAL B 102 23.00 -29.32 -12.96
C VAL B 102 23.15 -30.42 -14.01
N VAL B 103 22.03 -30.86 -14.56
CA VAL B 103 22.03 -31.91 -15.57
C VAL B 103 21.86 -31.32 -16.96
N MET B 104 22.76 -31.68 -17.88
CA MET B 104 22.69 -31.17 -19.25
C MET B 104 23.13 -32.22 -20.26
N GLY B 105 22.79 -31.99 -21.52
CA GLY B 105 23.18 -32.91 -22.58
C GLY B 105 24.54 -32.52 -23.11
N ARG B 106 25.17 -33.43 -23.85
CA ARG B 106 26.49 -33.16 -24.42
C ARG B 106 26.48 -31.83 -25.17
N THR B 107 25.54 -31.68 -26.09
CA THR B 107 25.42 -30.46 -26.88
C THR B 107 25.42 -29.24 -25.96
N THR B 108 24.57 -29.28 -24.94
CA THR B 108 24.48 -28.18 -23.99
C THR B 108 25.85 -27.90 -23.37
N TRP B 109 26.45 -28.93 -22.79
CA TRP B 109 27.77 -28.79 -22.18
C TRP B 109 28.78 -28.30 -23.20
N GLU B 110 28.78 -28.94 -24.37
CA GLU B 110 29.71 -28.61 -25.44
C GLU B 110 29.58 -27.17 -25.95
N SER B 111 28.49 -26.50 -25.61
CA SER B 111 28.27 -25.12 -26.05
C SER B 111 28.86 -24.13 -25.05
N ILE B 112 29.04 -24.58 -23.81
CA ILE B 112 29.60 -23.75 -22.77
C ILE B 112 31.09 -23.57 -23.03
N PRO B 113 31.61 -22.34 -22.84
CA PRO B 113 33.04 -22.08 -23.06
C PRO B 113 33.89 -22.64 -21.92
N LYS B 114 35.07 -23.15 -22.26
CA LYS B 114 35.97 -23.72 -21.27
C LYS B 114 36.24 -22.78 -20.11
N LYS B 115 36.34 -21.50 -20.42
CA LYS B 115 36.60 -20.47 -19.41
C LYS B 115 35.55 -20.46 -18.30
N PHE B 116 34.34 -20.90 -18.62
CA PHE B 116 33.25 -20.90 -17.64
C PHE B 116 32.76 -22.29 -17.23
N LYS B 117 33.24 -23.33 -17.92
CA LYS B 117 32.85 -24.70 -17.61
C LYS B 117 33.98 -25.41 -16.86
N PRO B 118 33.66 -26.24 -15.86
CA PRO B 118 32.31 -26.55 -15.38
C PRO B 118 31.63 -25.36 -14.70
N LEU B 119 30.34 -25.51 -14.42
CA LEU B 119 29.57 -24.45 -13.76
C LEU B 119 29.88 -24.43 -12.27
N SER B 120 30.61 -23.40 -11.86
CA SER B 120 31.01 -23.21 -10.47
C SER B 120 29.96 -23.55 -9.41
N ASN B 121 30.43 -24.09 -8.29
CA ASN B 121 29.57 -24.44 -7.16
C ASN B 121 28.36 -25.32 -7.51
N ARG B 122 28.43 -25.97 -8.67
CA ARG B 122 27.34 -26.82 -9.11
C ARG B 122 27.81 -28.21 -9.53
N ILE B 123 27.21 -29.24 -8.93
CA ILE B 123 27.56 -30.62 -9.25
C ILE B 123 27.11 -30.92 -10.67
N ASN B 124 28.03 -30.79 -11.61
CA ASN B 124 27.75 -31.03 -13.01
C ASN B 124 27.40 -32.48 -13.32
N VAL B 125 26.61 -32.69 -14.37
CA VAL B 125 26.19 -34.00 -14.82
C VAL B 125 25.96 -33.90 -16.32
N ILE B 126 26.19 -34.98 -17.05
CA ILE B 126 26.02 -34.95 -18.50
C ILE B 126 25.48 -36.24 -19.09
N LEU B 127 24.33 -36.15 -19.77
CA LEU B 127 23.73 -37.32 -20.41
C LEU B 127 24.41 -37.49 -21.77
N SER B 128 24.79 -38.71 -22.10
CA SER B 128 25.45 -39.00 -23.37
C SER B 128 25.79 -40.47 -23.52
N ARG B 129 25.66 -40.98 -24.74
CA ARG B 129 25.95 -42.38 -25.02
C ARG B 129 27.31 -42.53 -25.69
N THR B 130 28.03 -41.43 -25.85
CA THR B 130 29.34 -41.46 -26.48
C THR B 130 30.36 -40.56 -25.81
N LEU B 131 30.51 -40.69 -24.49
CA LEU B 131 31.46 -39.87 -23.75
C LEU B 131 32.07 -40.65 -22.59
N LYS B 132 33.39 -40.78 -22.60
CA LYS B 132 34.11 -41.52 -21.56
C LYS B 132 34.12 -40.74 -20.25
N LYS B 133 34.03 -41.47 -19.14
CA LYS B 133 34.04 -40.86 -17.81
C LYS B 133 35.46 -40.37 -17.53
N GLU B 134 36.41 -40.89 -18.31
CA GLU B 134 37.82 -40.52 -18.15
C GLU B 134 38.20 -39.29 -18.96
N ASP B 135 37.36 -38.91 -19.92
CA ASP B 135 37.63 -37.73 -20.74
C ASP B 135 37.42 -36.44 -19.94
N PHE B 136 36.86 -36.58 -18.74
CA PHE B 136 36.61 -35.42 -17.91
C PHE B 136 37.07 -35.58 -16.46
N ASP B 137 36.52 -34.73 -15.59
CA ASP B 137 36.86 -34.71 -14.17
C ASP B 137 36.31 -35.89 -13.38
N GLU B 138 36.50 -35.81 -12.06
CA GLU B 138 36.03 -36.80 -11.11
C GLU B 138 34.87 -36.14 -10.39
N ASP B 139 34.77 -34.81 -10.60
CA ASP B 139 33.72 -33.98 -10.02
C ASP B 139 32.58 -33.90 -11.02
N VAL B 140 32.91 -34.14 -12.28
CA VAL B 140 31.95 -34.10 -13.38
C VAL B 140 31.45 -35.52 -13.66
N TYR B 141 30.23 -35.81 -13.22
CA TYR B 141 29.64 -37.13 -13.40
C TYR B 141 28.93 -37.25 -14.75
N ILE B 142 29.08 -38.41 -15.37
CA ILE B 142 28.45 -38.69 -16.66
C ILE B 142 27.53 -39.89 -16.51
N ILE B 143 26.48 -39.93 -17.31
CA ILE B 143 25.52 -41.03 -17.25
C ILE B 143 25.15 -41.45 -18.67
N ASN B 144 24.68 -42.69 -18.81
CA ASN B 144 24.30 -43.22 -20.12
C ASN B 144 22.79 -43.28 -20.34
N LYS B 145 22.04 -43.34 -19.24
CA LYS B 145 20.60 -43.41 -19.31
C LYS B 145 19.93 -42.34 -18.43
N VAL B 146 18.62 -42.21 -18.55
CA VAL B 146 17.85 -41.25 -17.77
C VAL B 146 17.74 -41.70 -16.32
N GLU B 147 17.40 -42.97 -16.12
CA GLU B 147 17.27 -43.52 -14.78
C GLU B 147 18.62 -43.63 -14.09
N ASP B 148 19.69 -43.64 -14.88
CA ASP B 148 21.03 -43.72 -14.34
C ASP B 148 21.32 -42.52 -13.44
N LEU B 149 20.44 -41.53 -13.49
CA LEU B 149 20.59 -40.32 -12.68
C LEU B 149 19.84 -40.50 -11.35
N ILE B 150 18.74 -41.24 -11.41
CA ILE B 150 17.93 -41.49 -10.22
C ILE B 150 18.77 -42.09 -9.11
N VAL B 151 19.79 -42.85 -9.51
CA VAL B 151 20.69 -43.49 -8.55
C VAL B 151 21.74 -42.48 -8.05
N LEU B 152 22.55 -41.97 -8.99
CA LEU B 152 23.60 -41.02 -8.66
C LEU B 152 23.15 -40.02 -7.60
N LEU B 153 21.85 -39.72 -7.59
CA LEU B 153 21.29 -38.78 -6.63
C LEU B 153 21.18 -39.42 -5.25
N GLY B 154 20.57 -40.59 -5.18
CA GLY B 154 20.42 -41.28 -3.90
C GLY B 154 21.76 -41.66 -3.30
N LYS B 155 22.84 -41.29 -3.98
CA LYS B 155 24.19 -41.60 -3.52
C LYS B 155 25.00 -40.34 -3.20
N LEU B 156 24.59 -39.21 -3.78
CA LEU B 156 25.27 -37.93 -3.55
C LEU B 156 24.55 -37.11 -2.47
N ASN B 157 25.18 -36.01 -2.07
CA ASN B 157 24.60 -35.12 -1.06
C ASN B 157 24.38 -33.73 -1.65
N TYR B 158 23.25 -33.56 -2.32
CA TYR B 158 22.89 -32.30 -2.97
C TYR B 158 21.63 -31.72 -2.35
N TYR B 159 21.31 -30.48 -2.69
CA TYR B 159 20.12 -29.82 -2.18
C TYR B 159 18.97 -30.01 -3.16
N LYS B 160 19.18 -29.61 -4.41
CA LYS B 160 18.17 -29.75 -5.45
C LYS B 160 18.79 -30.11 -6.79
N CYS B 161 17.99 -30.70 -7.68
CA CYS B 161 18.45 -31.10 -8.99
C CYS B 161 17.78 -30.32 -10.10
N PHE B 162 18.55 -29.50 -10.80
CA PHE B 162 18.05 -28.66 -11.89
C PHE B 162 18.41 -29.19 -13.27
N ILE B 163 17.40 -29.48 -14.08
CA ILE B 163 17.61 -29.95 -15.44
C ILE B 163 17.73 -28.67 -16.28
N ILE B 164 18.93 -28.39 -16.79
CA ILE B 164 19.14 -27.17 -17.56
C ILE B 164 19.23 -27.33 -19.08
N GLY B 165 18.57 -28.35 -19.63
CA GLY B 165 18.59 -28.54 -21.07
C GLY B 165 19.52 -29.61 -21.60
N GLY B 166 19.55 -29.79 -22.93
CA GLY B 166 18.78 -28.96 -23.83
C GLY B 166 17.38 -29.46 -24.20
N SER B 167 16.97 -29.20 -25.43
CA SER B 167 15.66 -29.59 -25.92
C SER B 167 15.44 -31.08 -25.70
N VAL B 168 16.39 -31.88 -26.15
CA VAL B 168 16.33 -33.32 -26.01
C VAL B 168 16.10 -33.69 -24.54
N VAL B 169 16.98 -33.22 -23.67
CA VAL B 169 16.88 -33.50 -22.24
C VAL B 169 15.54 -33.09 -21.64
N TYR B 170 15.10 -31.86 -21.89
CA TYR B 170 13.82 -31.38 -21.37
C TYR B 170 12.68 -32.32 -21.76
N GLN B 171 12.61 -32.61 -23.06
CA GLN B 171 11.57 -33.49 -23.59
C GLN B 171 11.45 -34.81 -22.83
N GLU B 172 12.56 -35.54 -22.78
CA GLU B 172 12.60 -36.84 -22.11
C GLU B 172 12.11 -36.78 -20.67
N PHE B 173 12.59 -35.80 -19.91
CA PHE B 173 12.19 -35.65 -18.51
C PHE B 173 10.73 -35.27 -18.34
N LEU B 174 10.19 -34.51 -19.29
CA LEU B 174 8.79 -34.09 -19.22
C LEU B 174 7.84 -35.25 -19.42
N GLU B 175 8.10 -36.04 -20.45
CA GLU B 175 7.24 -37.18 -20.76
C GLU B 175 7.26 -38.22 -19.65
N LYS B 176 8.44 -38.47 -19.09
CA LYS B 176 8.57 -39.44 -18.02
C LYS B 176 8.14 -38.91 -16.65
N LYS B 177 7.36 -37.82 -16.67
CA LYS B 177 6.86 -37.22 -15.44
C LYS B 177 7.94 -37.05 -14.37
N LEU B 178 9.17 -36.78 -14.82
CA LEU B 178 10.28 -36.61 -13.88
C LEU B 178 10.59 -35.16 -13.52
N ILE B 179 9.58 -34.29 -13.61
CA ILE B 179 9.77 -32.87 -13.28
C ILE B 179 8.80 -32.42 -12.21
N LYS B 180 9.34 -31.86 -11.12
CA LYS B 180 8.53 -31.37 -10.01
C LYS B 180 7.97 -29.98 -10.34
N LYS B 181 8.87 -29.08 -10.73
CA LYS B 181 8.47 -27.72 -11.07
C LYS B 181 9.34 -27.18 -12.21
N ILE B 182 8.80 -26.21 -12.95
CA ILE B 182 9.53 -25.61 -14.07
C ILE B 182 9.72 -24.11 -13.93
N TYR B 183 10.98 -23.69 -13.82
CA TYR B 183 11.31 -22.28 -13.72
C TYR B 183 11.48 -21.81 -15.15
N PHE B 184 10.43 -21.17 -15.66
CA PHE B 184 10.38 -20.69 -17.03
C PHE B 184 10.59 -19.19 -17.17
N THR B 185 11.69 -18.81 -17.83
CA THR B 185 11.96 -17.40 -18.06
C THR B 185 11.29 -17.06 -19.38
N ARG B 186 10.52 -15.98 -19.42
CA ARG B 186 9.84 -15.58 -20.65
C ARG B 186 10.48 -14.36 -21.30
N ILE B 187 11.27 -14.58 -22.35
CA ILE B 187 11.90 -13.48 -23.06
C ILE B 187 10.91 -13.02 -24.10
N ASN B 188 10.34 -11.83 -23.88
CA ASN B 188 9.34 -11.28 -24.77
C ASN B 188 9.86 -10.55 -26.01
N SER B 189 10.41 -11.33 -26.93
CA SER B 189 10.96 -10.83 -28.19
C SER B 189 11.18 -12.03 -29.11
N THR B 190 11.18 -11.79 -30.42
CA THR B 190 11.35 -12.87 -31.39
C THR B 190 12.76 -13.02 -31.94
N TYR B 191 13.18 -14.28 -32.10
CA TYR B 191 14.49 -14.61 -32.63
C TYR B 191 14.38 -15.85 -33.51
N GLU B 192 15.41 -16.10 -34.30
CA GLU B 192 15.45 -17.27 -35.18
C GLU B 192 15.76 -18.51 -34.34
N CYS B 193 15.01 -19.58 -34.56
CA CYS B 193 15.21 -20.83 -33.82
C CYS B 193 15.16 -22.12 -34.65
N ASP B 194 15.72 -23.18 -34.09
CA ASP B 194 15.73 -24.48 -34.74
C ASP B 194 15.32 -25.54 -33.71
N VAL B 195 15.54 -25.24 -32.44
CA VAL B 195 15.17 -26.14 -31.35
C VAL B 195 14.18 -25.42 -30.44
N PHE B 196 13.21 -26.17 -29.90
CA PHE B 196 12.20 -25.57 -29.04
C PHE B 196 11.87 -26.39 -27.79
N PHE B 197 11.14 -25.78 -26.88
CA PHE B 197 10.75 -26.42 -25.63
C PHE B 197 9.39 -27.10 -25.85
N PRO B 198 9.16 -28.24 -25.19
CA PRO B 198 7.91 -28.99 -25.31
C PRO B 198 6.68 -28.21 -24.86
N GLU B 199 5.53 -28.53 -25.45
CA GLU B 199 4.29 -27.84 -25.09
C GLU B 199 3.81 -28.34 -23.74
N ILE B 200 3.88 -27.47 -22.73
CA ILE B 200 3.47 -27.82 -21.38
C ILE B 200 1.98 -28.19 -21.32
N ASN B 201 1.68 -29.33 -20.71
CA ASN B 201 0.30 -29.77 -20.57
C ASN B 201 -0.27 -29.16 -19.28
N GLU B 202 -1.26 -28.29 -19.43
CA GLU B 202 -1.87 -27.61 -18.30
C GLU B 202 -2.63 -28.54 -17.35
N ASN B 203 -2.78 -29.81 -17.71
CA ASN B 203 -3.46 -30.76 -16.86
C ASN B 203 -2.47 -31.40 -15.89
N GLU B 204 -1.21 -31.46 -16.29
CA GLU B 204 -0.16 -32.04 -15.46
C GLU B 204 0.82 -31.00 -14.92
N TYR B 205 0.60 -29.74 -15.28
CA TYR B 205 1.45 -28.64 -14.82
C TYR B 205 0.65 -27.34 -14.81
N GLN B 206 0.76 -26.59 -13.72
CA GLN B 206 0.06 -25.32 -13.60
C GLN B 206 1.00 -24.23 -13.10
N ILE B 207 0.66 -22.98 -13.37
CA ILE B 207 1.49 -21.86 -12.92
C ILE B 207 1.08 -21.47 -11.51
N ILE B 208 2.06 -21.23 -10.64
CA ILE B 208 1.78 -20.86 -9.26
C ILE B 208 2.31 -19.48 -8.88
N SER B 209 3.34 -19.03 -9.59
CA SER B 209 3.90 -17.71 -9.30
C SER B 209 4.38 -17.01 -10.56
N VAL B 210 4.20 -15.69 -10.57
CA VAL B 210 4.62 -14.85 -11.69
C VAL B 210 5.39 -13.68 -11.07
N SER B 211 6.54 -13.33 -11.65
CA SER B 211 7.35 -12.25 -11.11
C SER B 211 7.07 -10.88 -11.71
N ASP B 212 7.86 -9.90 -11.28
CA ASP B 212 7.78 -8.54 -11.76
C ASP B 212 8.32 -8.59 -13.19
N VAL B 213 8.09 -7.56 -13.99
CA VAL B 213 8.58 -7.54 -15.36
C VAL B 213 9.84 -6.67 -15.44
N TYR B 214 10.78 -7.07 -16.27
CA TYR B 214 12.04 -6.34 -16.39
C TYR B 214 12.48 -6.11 -17.83
N THR B 215 13.46 -5.22 -17.97
CA THR B 215 14.03 -4.96 -19.28
C THR B 215 15.51 -5.27 -19.17
N SER B 216 16.00 -6.14 -20.05
CA SER B 216 17.40 -6.51 -20.04
C SER B 216 17.80 -6.78 -21.47
N ASN B 217 18.92 -6.16 -21.87
CA ASN B 217 19.44 -6.31 -23.23
C ASN B 217 18.39 -6.01 -24.30
N ASN B 218 17.70 -4.89 -24.14
CA ASN B 218 16.70 -4.43 -25.11
C ASN B 218 15.50 -5.36 -25.33
N THR B 219 14.94 -5.90 -24.24
CA THR B 219 13.77 -6.77 -24.31
C THR B 219 13.19 -6.97 -22.91
N THR B 220 11.86 -6.98 -22.80
CA THR B 220 11.23 -7.21 -21.51
C THR B 220 11.22 -8.71 -21.29
N LEU B 221 11.22 -9.11 -20.04
CA LEU B 221 11.19 -10.51 -19.68
C LEU B 221 10.65 -10.63 -18.27
N ASP B 222 10.11 -11.80 -17.93
CA ASP B 222 9.60 -12.05 -16.59
C ASP B 222 9.85 -13.51 -16.24
N PHE B 223 9.64 -13.87 -14.97
CA PHE B 223 9.90 -15.23 -14.52
C PHE B 223 8.67 -15.85 -13.89
N ILE B 224 8.24 -16.99 -14.42
CA ILE B 224 7.09 -17.69 -13.88
C ILE B 224 7.49 -19.07 -13.40
N ILE B 225 6.65 -19.67 -12.56
CA ILE B 225 6.92 -20.99 -12.01
C ILE B 225 5.78 -21.97 -12.18
N TYR B 226 6.08 -23.09 -12.84
CA TYR B 226 5.11 -24.16 -13.07
C TYR B 226 5.26 -25.20 -11.95
N LYS B 227 4.15 -25.72 -11.48
CA LYS B 227 4.16 -26.71 -10.41
C LYS B 227 3.31 -27.92 -10.80
N LYS B 228 3.88 -29.11 -10.69
CA LYS B 228 3.18 -30.34 -11.04
C LYS B 228 1.90 -30.44 -10.22
N THR B 229 0.76 -30.42 -10.90
CA THR B 229 -0.53 -30.51 -10.25
C THR B 229 -0.54 -31.61 -9.20
N ASN B 230 -0.96 -31.26 -7.98
CA ASN B 230 -1.02 -32.22 -6.87
C ASN B 230 -2.02 -33.33 -7.15
N ASN B 231 -2.82 -33.14 -8.19
CA ASN B 231 -3.83 -34.14 -8.58
C ASN B 231 -3.28 -35.10 -9.62
N ASP B 283 8.92 -15.97 15.59
CA ASP B 283 8.52 -17.10 16.48
C ASP B 283 7.02 -17.34 16.49
N ASP B 284 6.59 -18.26 17.34
CA ASP B 284 5.17 -18.60 17.46
C ASP B 284 4.48 -17.61 18.39
N GLU B 285 5.28 -16.87 19.15
CA GLU B 285 4.76 -15.86 20.06
C GLU B 285 4.08 -14.79 19.22
N GLU B 286 4.85 -14.20 18.32
CA GLU B 286 4.36 -13.16 17.43
C GLU B 286 3.16 -13.67 16.65
N GLU B 287 3.22 -14.92 16.22
CA GLU B 287 2.13 -15.52 15.47
C GLU B 287 0.80 -15.40 16.19
N ASP B 288 0.77 -15.74 17.48
CA ASP B 288 -0.47 -15.63 18.26
C ASP B 288 -0.84 -14.15 18.46
N ASP B 289 0.15 -13.31 18.75
CA ASP B 289 -0.14 -11.89 18.93
C ASP B 289 -0.83 -11.36 17.68
N PHE B 290 -0.45 -11.90 16.52
CA PHE B 290 -1.05 -11.49 15.26
C PHE B 290 -2.56 -11.79 15.30
N VAL B 291 -2.92 -12.93 15.87
CA VAL B 291 -4.33 -13.32 15.95
C VAL B 291 -5.09 -12.41 16.91
N TYR B 292 -4.45 -12.01 18.00
CA TYR B 292 -5.11 -11.14 18.97
C TYR B 292 -5.40 -9.78 18.36
N PHE B 293 -4.41 -9.22 17.68
CA PHE B 293 -4.55 -7.92 17.05
C PHE B 293 -5.59 -7.89 15.93
N ASN B 294 -5.98 -9.06 15.44
CA ASN B 294 -6.98 -9.15 14.39
C ASN B 294 -8.32 -9.61 14.95
N PHE B 295 -8.48 -9.50 16.26
CA PHE B 295 -9.70 -9.93 16.94
C PHE B 295 -10.96 -9.19 16.49
N ASN B 296 -10.81 -7.99 15.96
CA ASN B 296 -11.99 -7.21 15.55
C ASN B 296 -12.24 -7.19 14.04
N LYS B 297 -11.53 -8.04 13.31
CA LYS B 297 -11.71 -8.10 11.85
C LYS B 297 -12.99 -8.85 11.49
N GLU B 298 -13.39 -8.74 10.23
CA GLU B 298 -14.59 -9.41 9.75
C GLU B 298 -14.31 -10.82 9.24
N LYS B 299 -15.19 -11.76 9.61
CA LYS B 299 -15.07 -13.15 9.21
C LYS B 299 -14.96 -13.29 7.69
N GLU B 300 -16.00 -12.87 6.98
CA GLU B 300 -16.01 -12.93 5.52
C GLU B 300 -16.01 -11.52 4.93
N GLU B 301 -16.26 -11.44 3.62
CA GLU B 301 -16.31 -10.17 2.92
C GLU B 301 -17.78 -9.84 2.69
N LYS B 302 -18.10 -8.55 2.56
CA LYS B 302 -19.48 -8.13 2.34
C LYS B 302 -20.13 -8.92 1.22
N ASN B 303 -19.59 -8.72 0.01
CA ASN B 303 -20.10 -9.38 -1.19
C ASN B 303 -19.69 -10.84 -1.29
N LYS B 304 -19.32 -11.44 -0.17
CA LYS B 304 -18.92 -12.84 -0.14
C LYS B 304 -19.86 -13.72 -0.96
N ASN B 305 -21.15 -13.67 -0.61
CA ASN B 305 -22.17 -14.45 -1.30
C ASN B 305 -22.42 -13.93 -2.72
N SER B 306 -22.33 -12.61 -2.90
CA SER B 306 -22.54 -12.01 -4.20
C SER B 306 -21.47 -12.49 -5.16
N ILE B 307 -20.22 -12.31 -4.75
CA ILE B 307 -19.06 -12.73 -5.55
C ILE B 307 -18.43 -13.94 -4.87
N HIS B 308 -18.55 -15.11 -5.49
CA HIS B 308 -17.98 -16.33 -4.93
C HIS B 308 -16.51 -16.47 -5.26
N PRO B 309 -15.65 -16.53 -4.22
CA PRO B 309 -14.20 -16.66 -4.41
C PRO B 309 -13.79 -17.94 -5.13
N ASN B 310 -14.66 -18.96 -5.10
CA ASN B 310 -14.37 -20.21 -5.77
C ASN B 310 -14.33 -19.96 -7.28
N ASP B 311 -14.79 -18.79 -7.70
CA ASP B 311 -14.80 -18.40 -9.10
C ASP B 311 -13.44 -17.81 -9.47
N PHE B 312 -12.54 -17.76 -8.49
CA PHE B 312 -11.20 -17.22 -8.72
C PHE B 312 -10.15 -18.29 -8.44
N GLN B 313 -10.51 -19.54 -8.72
CA GLN B 313 -9.60 -20.67 -8.49
C GLN B 313 -8.17 -20.35 -8.95
N ILE B 314 -8.05 -19.78 -10.14
CA ILE B 314 -6.75 -19.44 -10.69
C ILE B 314 -6.09 -18.31 -9.91
N TYR B 315 -6.83 -17.22 -9.74
CA TYR B 315 -6.35 -16.05 -9.03
C TYR B 315 -5.81 -16.38 -7.63
N ASN B 316 -6.53 -17.21 -6.89
CA ASN B 316 -6.13 -17.60 -5.55
C ASN B 316 -5.05 -18.68 -5.52
N SER B 317 -5.04 -19.54 -6.52
CA SER B 317 -4.06 -20.62 -6.58
C SER B 317 -2.64 -20.07 -6.72
N LEU B 318 -2.53 -18.78 -7.02
CA LEU B 318 -1.22 -18.17 -7.17
C LEU B 318 -0.64 -17.77 -5.83
N LYS B 319 0.62 -18.12 -5.63
CA LYS B 319 1.31 -17.77 -4.39
C LYS B 319 1.93 -16.40 -4.52
N TYR B 320 2.81 -16.23 -5.51
CA TYR B 320 3.48 -14.96 -5.74
C TYR B 320 2.96 -14.28 -7.00
N LYS B 321 2.40 -13.08 -6.83
CA LYS B 321 1.86 -12.31 -7.94
C LYS B 321 2.55 -10.95 -7.97
N TYR B 322 3.79 -10.95 -8.44
CA TYR B 322 4.61 -9.75 -8.52
C TYR B 322 4.51 -9.05 -9.87
N HIS B 323 3.74 -9.62 -10.79
CA HIS B 323 3.57 -9.00 -12.10
C HIS B 323 2.77 -7.71 -11.90
N PRO B 324 3.33 -6.56 -12.33
CA PRO B 324 2.69 -5.25 -12.20
C PRO B 324 1.21 -5.22 -12.52
N GLU B 325 0.77 -6.02 -13.49
CA GLU B 325 -0.63 -6.01 -13.85
C GLU B 325 -1.53 -6.33 -12.67
N TYR B 326 -1.01 -7.06 -11.68
CA TYR B 326 -1.83 -7.39 -10.52
C TYR B 326 -2.22 -6.18 -9.68
N GLN B 327 -1.53 -5.05 -9.88
CA GLN B 327 -1.91 -3.85 -9.14
C GLN B 327 -3.29 -3.49 -9.59
N TYR B 328 -3.53 -3.66 -10.89
CA TYR B 328 -4.84 -3.36 -11.46
C TYR B 328 -5.81 -4.47 -11.04
N LEU B 329 -5.40 -5.72 -11.30
CA LEU B 329 -6.20 -6.89 -10.96
C LEU B 329 -6.58 -6.97 -9.49
N ASN B 330 -5.63 -6.73 -8.60
CA ASN B 330 -5.92 -6.77 -7.17
C ASN B 330 -7.00 -5.78 -6.77
N ILE B 331 -6.98 -4.60 -7.38
CA ILE B 331 -7.99 -3.57 -7.06
C ILE B 331 -9.38 -4.04 -7.52
N ILE B 332 -9.45 -4.69 -8.67
CA ILE B 332 -10.71 -5.21 -9.18
C ILE B 332 -11.26 -6.18 -8.13
N TYR B 333 -10.36 -7.02 -7.61
CA TYR B 333 -10.70 -8.04 -6.62
C TYR B 333 -11.10 -7.41 -5.30
N ASP B 334 -10.40 -6.36 -4.89
CA ASP B 334 -10.74 -5.71 -3.63
C ASP B 334 -12.11 -5.06 -3.72
N ILE B 335 -12.43 -4.47 -4.87
CA ILE B 335 -13.72 -3.83 -5.02
C ILE B 335 -14.85 -4.85 -5.11
N MET B 336 -14.58 -5.99 -5.74
CA MET B 336 -15.60 -7.02 -5.86
C MET B 336 -15.87 -7.69 -4.51
N MET B 337 -14.82 -7.88 -3.71
CA MET B 337 -14.96 -8.52 -2.42
C MET B 337 -15.39 -7.59 -1.28
N ASN B 338 -14.94 -6.35 -1.33
CA ASN B 338 -15.26 -5.42 -0.25
C ASN B 338 -15.94 -4.12 -0.67
N GLY B 339 -16.29 -4.03 -1.96
CA GLY B 339 -16.94 -2.84 -2.46
C GLY B 339 -18.33 -2.57 -1.91
N ASN B 340 -18.74 -1.31 -1.97
CA ASN B 340 -20.05 -0.89 -1.50
C ASN B 340 -21.00 -0.77 -2.68
N LYS B 341 -22.21 -1.29 -2.54
CA LYS B 341 -23.19 -1.21 -3.61
C LYS B 341 -23.80 0.17 -3.64
N GLN B 342 -23.77 0.80 -4.80
CA GLN B 342 -24.32 2.14 -4.97
C GLN B 342 -24.96 2.30 -6.34
N SER B 343 -25.90 3.24 -6.43
CA SER B 343 -26.60 3.53 -7.68
C SER B 343 -26.13 4.89 -8.20
N ASP B 344 -25.36 4.88 -9.28
CA ASP B 344 -24.82 6.11 -9.85
C ASP B 344 -25.79 6.88 -10.74
N ARG B 345 -25.26 7.92 -11.38
CA ARG B 345 -26.03 8.80 -12.25
C ARG B 345 -26.57 8.16 -13.52
N THR B 346 -26.38 6.86 -13.68
CA THR B 346 -26.86 6.18 -14.89
C THR B 346 -27.87 5.07 -14.62
N GLY B 347 -28.35 4.99 -13.38
CA GLY B 347 -29.31 3.96 -13.02
C GLY B 347 -28.63 2.61 -12.88
N VAL B 348 -27.51 2.46 -13.58
CA VAL B 348 -26.73 1.24 -13.54
C VAL B 348 -26.13 1.08 -12.14
N GLY B 349 -25.90 -0.15 -11.73
CA GLY B 349 -25.33 -0.35 -10.40
C GLY B 349 -23.82 -0.45 -10.42
N VAL B 350 -23.18 -0.19 -9.28
CA VAL B 350 -21.73 -0.28 -9.20
C VAL B 350 -21.27 -0.74 -7.83
N LEU B 351 -20.02 -1.16 -7.78
CA LEU B 351 -19.39 -1.55 -6.53
C LEU B 351 -18.27 -0.51 -6.47
N SER B 352 -18.22 0.26 -5.41
CA SER B 352 -17.21 1.30 -5.32
C SER B 352 -16.42 1.35 -4.03
N LYS B 353 -15.22 1.90 -4.14
CA LYS B 353 -14.28 2.09 -3.04
C LYS B 353 -13.69 3.48 -3.23
N PHE B 354 -12.96 3.99 -2.24
CA PHE B 354 -12.41 5.34 -2.36
C PHE B 354 -10.93 5.45 -2.03
N GLY B 355 -10.13 5.84 -3.03
CA GLY B 355 -8.71 6.01 -2.81
C GLY B 355 -7.80 4.80 -3.00
N TYR B 356 -7.09 4.76 -4.12
CA TYR B 356 -6.14 3.68 -4.43
C TYR B 356 -4.97 4.34 -5.11
N ILE B 357 -3.87 3.62 -5.21
CA ILE B 357 -2.70 4.16 -5.87
C ILE B 357 -1.91 3.04 -6.53
N MET B 358 -1.71 3.16 -7.85
CA MET B 358 -0.94 2.19 -8.61
C MET B 358 0.33 2.87 -9.11
N LYS B 359 1.40 2.09 -9.26
CA LYS B 359 2.68 2.61 -9.75
C LYS B 359 3.25 1.68 -10.81
N PHE B 360 3.65 2.25 -11.93
CA PHE B 360 4.21 1.47 -13.02
C PHE B 360 5.57 2.01 -13.42
N ASP B 361 6.56 1.12 -13.43
CA ASP B 361 7.92 1.50 -13.78
C ASP B 361 8.07 1.49 -15.30
N LEU B 362 7.90 2.67 -15.90
CA LEU B 362 8.01 2.81 -17.33
C LEU B 362 9.40 2.50 -17.90
N SER B 363 10.42 2.44 -17.04
CA SER B 363 11.76 2.15 -17.53
C SER B 363 11.94 0.66 -17.76
N GLN B 364 11.03 -0.13 -17.20
CA GLN B 364 11.11 -1.58 -17.34
C GLN B 364 10.06 -2.16 -18.29
N TYR B 365 8.97 -1.43 -18.50
CA TYR B 365 7.91 -1.94 -19.37
C TYR B 365 6.81 -0.89 -19.63
N PHE B 366 5.99 -1.17 -20.63
CA PHE B 366 4.85 -0.32 -20.96
C PHE B 366 3.67 -1.09 -20.39
N PRO B 367 2.97 -0.51 -19.41
CA PRO B 367 1.82 -1.17 -18.78
C PRO B 367 0.51 -1.27 -19.54
N LEU B 368 0.54 -1.97 -20.67
CA LEU B 368 -0.67 -2.18 -21.46
C LEU B 368 -1.23 -3.54 -21.04
N LEU B 369 -2.38 -3.55 -20.38
CA LEU B 369 -2.99 -4.79 -19.90
C LEU B 369 -2.88 -5.95 -20.89
N THR B 370 -2.44 -7.10 -20.38
CA THR B 370 -2.28 -8.29 -21.22
C THR B 370 -3.36 -9.33 -20.96
N THR B 371 -4.18 -9.13 -19.93
CA THR B 371 -5.25 -10.10 -19.64
C THR B 371 -6.48 -9.86 -20.49
N LYS B 372 -6.28 -9.17 -21.61
CA LYS B 372 -7.33 -8.88 -22.57
C LYS B 372 -6.68 -7.98 -23.60
N LYS B 373 -7.29 -7.87 -24.77
CA LYS B 373 -6.74 -7.07 -25.85
C LYS B 373 -7.14 -5.60 -25.73
N LEU B 374 -6.17 -4.71 -25.95
CA LEU B 374 -6.42 -3.28 -25.90
C LEU B 374 -5.93 -2.60 -27.17
N PHE B 375 -6.66 -1.58 -27.61
CA PHE B 375 -6.29 -0.83 -28.80
C PHE B 375 -5.79 0.55 -28.36
N LEU B 376 -4.88 1.15 -29.13
CA LEU B 376 -4.34 2.45 -28.76
C LEU B 376 -4.38 3.57 -29.80
N ARG B 377 -4.72 3.27 -31.05
CA ARG B 377 -4.74 4.32 -32.07
C ARG B 377 -5.63 5.46 -31.56
N GLY B 378 -6.85 5.10 -31.18
CA GLY B 378 -7.79 6.08 -30.69
C GLY B 378 -7.30 6.93 -29.53
N ILE B 379 -6.82 6.32 -28.46
CA ILE B 379 -6.37 7.12 -27.33
C ILE B 379 -5.13 7.97 -27.64
N ILE B 380 -4.32 7.55 -28.59
CA ILE B 380 -3.15 8.35 -28.94
C ILE B 380 -3.63 9.61 -29.67
N GLU B 381 -4.57 9.43 -30.59
CA GLU B 381 -5.13 10.55 -31.35
C GLU B 381 -5.79 11.55 -30.39
N GLU B 382 -6.42 11.03 -29.35
CA GLU B 382 -7.09 11.89 -28.38
C GLU B 382 -6.02 12.73 -27.69
N LEU B 383 -4.91 12.08 -27.41
CA LEU B 383 -3.79 12.72 -26.76
C LEU B 383 -3.22 13.81 -27.68
N LEU B 384 -3.11 13.51 -28.96
CA LEU B 384 -2.60 14.47 -29.94
C LEU B 384 -3.60 15.61 -30.08
N TRP B 385 -4.88 15.26 -29.95
CA TRP B 385 -5.99 16.21 -30.04
C TRP B 385 -5.92 17.18 -28.85
N PHE B 386 -5.66 16.64 -27.66
CA PHE B 386 -5.54 17.48 -26.46
C PHE B 386 -4.38 18.47 -26.65
N ILE B 387 -3.24 17.95 -27.08
CA ILE B 387 -2.04 18.75 -27.27
C ILE B 387 -2.25 19.90 -28.25
N ARG B 388 -3.08 19.70 -29.27
CA ARG B 388 -3.35 20.76 -30.22
C ARG B 388 -4.26 21.82 -29.60
N GLY B 389 -4.91 21.45 -28.49
CA GLY B 389 -5.80 22.36 -27.80
C GLY B 389 -7.21 22.35 -28.36
N GLU B 390 -7.50 21.37 -29.20
CA GLU B 390 -8.82 21.26 -29.81
C GLU B 390 -9.93 20.89 -28.84
N THR B 391 -11.15 21.27 -29.21
CA THR B 391 -12.35 20.94 -28.44
C THR B 391 -13.41 20.56 -29.46
N ASN B 392 -12.98 20.41 -30.71
CA ASN B 392 -13.87 20.06 -31.82
C ASN B 392 -14.05 18.56 -31.92
N GLY B 393 -15.20 18.07 -31.48
CA GLY B 393 -15.46 16.65 -31.53
C GLY B 393 -15.42 16.04 -32.92
N ASN B 394 -15.70 16.83 -33.95
CA ASN B 394 -15.69 16.31 -35.31
C ASN B 394 -14.30 15.84 -35.78
N THR B 395 -13.26 16.52 -35.33
CA THR B 395 -11.90 16.14 -35.73
C THR B 395 -11.62 14.67 -35.43
N LEU B 396 -12.10 14.20 -34.28
CA LEU B 396 -11.90 12.82 -33.87
C LEU B 396 -12.84 11.86 -34.62
N LEU B 397 -14.09 12.27 -34.81
CA LEU B 397 -15.06 11.42 -35.49
C LEU B 397 -14.65 11.18 -36.93
N ASN B 398 -14.04 12.18 -37.55
CA ASN B 398 -13.58 12.05 -38.93
C ASN B 398 -12.37 11.12 -39.04
N LYS B 399 -11.82 10.72 -37.90
CA LYS B 399 -10.69 9.80 -37.85
C LYS B 399 -11.20 8.50 -37.22
N ASN B 400 -12.53 8.43 -37.07
CA ASN B 400 -13.17 7.29 -36.45
C ASN B 400 -12.69 6.97 -35.03
N VAL B 401 -12.50 8.03 -34.23
CA VAL B 401 -12.12 7.91 -32.83
C VAL B 401 -13.42 8.41 -32.25
N ARG B 402 -14.19 7.51 -31.66
CA ARG B 402 -15.51 7.88 -31.16
C ARG B 402 -15.66 7.93 -29.64
N ILE B 403 -14.53 8.17 -28.97
CA ILE B 403 -14.46 8.26 -27.51
C ILE B 403 -15.43 9.30 -26.96
N TRP B 404 -15.56 10.41 -27.68
CA TRP B 404 -16.43 11.50 -27.23
C TRP B 404 -17.74 11.65 -27.97
N GLU B 405 -18.05 10.74 -28.89
CA GLU B 405 -19.29 10.85 -29.66
C GLU B 405 -20.55 10.99 -28.82
N ALA B 406 -20.78 10.08 -27.90
CA ALA B 406 -21.97 10.14 -27.07
C ALA B 406 -22.06 11.44 -26.27
N ASN B 407 -20.91 12.07 -26.02
CA ASN B 407 -20.90 13.30 -25.25
C ASN B 407 -21.15 14.56 -26.05
N GLY B 408 -21.23 14.44 -27.37
CA GLY B 408 -21.44 15.62 -28.20
C GLY B 408 -22.76 15.67 -28.94
N THR B 409 -23.67 14.73 -28.67
CA THR B 409 -24.96 14.70 -29.36
C THR B 409 -25.88 15.81 -28.91
N ARG B 410 -26.86 16.14 -29.75
CA ARG B 410 -27.83 17.18 -29.44
C ARG B 410 -28.49 16.89 -28.09
N GLU B 411 -28.94 15.65 -27.90
CA GLU B 411 -29.59 15.26 -26.65
C GLU B 411 -28.69 15.46 -25.43
N PHE B 412 -27.50 14.87 -25.46
CA PHE B 412 -26.59 14.99 -24.32
C PHE B 412 -26.30 16.45 -24.01
N LEU B 413 -26.00 17.22 -25.04
CA LEU B 413 -25.72 18.63 -24.81
C LEU B 413 -26.94 19.31 -24.17
N ASP B 414 -28.14 19.03 -24.68
CA ASP B 414 -29.34 19.64 -24.13
C ASP B 414 -29.59 19.18 -22.71
N ASN B 415 -29.35 17.91 -22.41
CA ASN B 415 -29.56 17.43 -21.05
C ASN B 415 -28.55 18.07 -20.10
N ARG B 416 -27.44 18.50 -20.67
CA ARG B 416 -26.37 19.16 -19.92
C ARG B 416 -26.75 20.65 -19.85
N LYS B 417 -27.88 20.98 -20.46
CA LYS B 417 -28.40 22.35 -20.49
C LYS B 417 -27.59 23.26 -21.40
N LEU B 418 -26.84 22.65 -22.33
CA LEU B 418 -26.03 23.42 -23.26
C LEU B 418 -26.79 23.57 -24.58
N PHE B 419 -27.99 24.13 -24.45
CA PHE B 419 -28.90 24.37 -25.57
C PHE B 419 -28.31 25.18 -26.69
N HIS B 420 -27.29 25.97 -26.37
CA HIS B 420 -26.68 26.82 -27.39
C HIS B 420 -25.31 26.36 -27.84
N ARG B 421 -25.05 25.07 -27.66
CA ARG B 421 -23.77 24.48 -28.04
C ARG B 421 -23.98 23.64 -29.30
N GLU B 422 -23.17 23.89 -30.33
CA GLU B 422 -23.28 23.12 -31.56
C GLU B 422 -22.94 21.67 -31.28
N VAL B 423 -23.54 20.75 -32.03
CA VAL B 423 -23.28 19.34 -31.86
C VAL B 423 -21.78 19.05 -32.02
N ASN B 424 -21.25 18.24 -31.11
CA ASN B 424 -19.85 17.87 -31.11
C ASN B 424 -18.92 18.98 -30.64
N ASP B 425 -19.49 20.13 -30.28
CA ASP B 425 -18.67 21.20 -29.73
C ASP B 425 -18.64 20.89 -28.22
N LEU B 426 -17.59 20.22 -27.78
CA LEU B 426 -17.46 19.80 -26.38
C LEU B 426 -17.19 20.89 -25.33
N GLY B 427 -17.03 22.13 -25.77
CA GLY B 427 -16.79 23.20 -24.82
C GLY B 427 -15.34 23.22 -24.36
N PRO B 428 -15.01 24.02 -23.33
CA PRO B 428 -13.65 24.15 -22.79
C PRO B 428 -13.11 22.94 -21.98
N ILE B 429 -12.95 21.80 -22.65
CA ILE B 429 -12.43 20.59 -22.00
C ILE B 429 -10.90 20.53 -22.08
N TYR B 430 -10.35 19.37 -21.71
CA TYR B 430 -8.91 19.15 -21.69
C TYR B 430 -8.04 20.06 -22.55
N GLY B 431 -8.14 19.88 -23.87
CA GLY B 431 -7.33 20.65 -24.79
C GLY B 431 -7.34 22.14 -24.55
N PHE B 432 -8.54 22.69 -24.30
CA PHE B 432 -8.67 24.11 -24.09
C PHE B 432 -8.01 24.57 -22.78
N GLN B 433 -8.17 23.79 -21.72
CA GLN B 433 -7.58 24.13 -20.42
C GLN B 433 -6.05 23.95 -20.42
N TRP B 434 -5.56 22.98 -21.18
CA TRP B 434 -4.11 22.73 -21.25
C TRP B 434 -3.36 23.86 -21.97
N ARG B 435 -4.00 24.45 -22.98
CA ARG B 435 -3.38 25.52 -23.76
C ARG B 435 -3.96 26.90 -23.56
N HIS B 436 -5.17 27.01 -23.02
CA HIS B 436 -5.81 28.32 -22.85
C HIS B 436 -6.57 28.53 -21.54
N PHE B 437 -6.15 27.88 -20.47
CA PHE B 437 -6.83 28.02 -19.18
C PHE B 437 -7.03 29.48 -18.84
N GLY B 438 -8.29 29.86 -18.60
CA GLY B 438 -8.59 31.24 -18.24
C GLY B 438 -9.18 32.03 -19.38
N ALA B 439 -8.94 31.58 -20.60
CA ALA B 439 -9.47 32.27 -21.77
C ALA B 439 -11.00 32.11 -21.79
N GLU B 440 -11.65 33.02 -22.51
CA GLU B 440 -13.11 33.00 -22.65
C GLU B 440 -13.47 32.06 -23.81
N TYR B 441 -14.19 30.98 -23.52
CA TYR B 441 -14.56 30.05 -24.57
C TYR B 441 -15.71 30.62 -25.39
N THR B 442 -15.61 30.55 -26.72
CA THR B 442 -16.68 31.05 -27.58
C THR B 442 -17.28 29.85 -28.30
N ASN B 443 -16.54 29.30 -29.27
CA ASN B 443 -16.99 28.11 -29.99
C ASN B 443 -15.74 27.34 -30.42
N MET B 444 -15.93 26.08 -30.80
CA MET B 444 -14.82 25.21 -31.19
C MET B 444 -14.02 25.66 -32.41
N TYR B 445 -14.51 26.66 -33.13
CA TYR B 445 -13.82 27.14 -34.33
C TYR B 445 -13.01 28.42 -34.12
N ASP B 446 -13.19 29.07 -32.98
CA ASP B 446 -12.49 30.32 -32.76
C ASP B 446 -10.98 30.15 -32.64
N ASN B 447 -10.25 31.21 -32.97
CA ASN B 447 -8.80 31.19 -32.86
C ASN B 447 -8.50 31.64 -31.44
N TYR B 448 -7.74 30.85 -30.70
CA TYR B 448 -7.41 31.21 -29.32
C TYR B 448 -5.94 31.52 -29.11
N GLU B 449 -5.17 31.53 -30.20
CA GLU B 449 -3.74 31.79 -30.13
C GLU B 449 -3.36 32.89 -29.15
N ASN B 450 -2.49 32.53 -28.20
CA ASN B 450 -2.00 33.44 -27.19
C ASN B 450 -3.05 33.95 -26.22
N LYS B 451 -4.10 33.16 -26.01
CA LYS B 451 -5.15 33.54 -25.08
C LYS B 451 -5.16 32.53 -23.94
N GLY B 452 -5.27 33.02 -22.70
CA GLY B 452 -5.28 32.12 -21.56
C GLY B 452 -3.90 31.62 -21.21
N VAL B 453 -3.83 30.81 -20.16
CA VAL B 453 -2.56 30.25 -19.71
C VAL B 453 -2.24 28.94 -20.40
N ASP B 454 -1.07 28.87 -21.04
CA ASP B 454 -0.63 27.68 -21.74
C ASP B 454 0.12 26.81 -20.73
N GLN B 455 -0.62 26.07 -19.93
CA GLN B 455 -0.04 25.19 -18.91
C GLN B 455 0.95 24.19 -19.48
N LEU B 456 0.59 23.58 -20.60
CA LEU B 456 1.46 22.59 -21.22
C LEU B 456 2.86 23.18 -21.44
N LYS B 457 2.91 24.31 -22.15
CA LYS B 457 4.17 24.98 -22.43
C LYS B 457 4.89 25.30 -21.10
N ASN B 458 4.12 25.75 -20.10
CA ASN B 458 4.69 26.10 -18.81
C ASN B 458 5.32 24.94 -18.05
N ILE B 459 4.64 23.80 -17.97
CA ILE B 459 5.19 22.68 -17.22
C ILE B 459 6.43 22.14 -17.93
N ILE B 460 6.46 22.25 -19.25
CA ILE B 460 7.61 21.78 -19.98
C ILE B 460 8.82 22.68 -19.72
N ASN B 461 8.61 24.00 -19.67
CA ASN B 461 9.72 24.89 -19.40
C ASN B 461 10.22 24.69 -17.96
N LEU B 462 9.29 24.45 -17.04
CA LEU B 462 9.63 24.22 -15.64
C LEU B 462 10.48 22.97 -15.49
N ILE B 463 10.08 21.91 -16.18
CA ILE B 463 10.79 20.63 -16.13
C ILE B 463 12.23 20.82 -16.61
N LYS B 464 12.42 21.62 -17.65
CA LYS B 464 13.76 21.86 -18.20
C LYS B 464 14.59 22.83 -17.37
N ASN B 465 13.97 23.94 -16.99
CA ASN B 465 14.65 25.01 -16.25
C ASN B 465 14.67 24.93 -14.71
N ASP B 466 13.71 24.24 -14.12
CA ASP B 466 13.65 24.13 -12.66
C ASP B 466 13.00 22.79 -12.31
N PRO B 467 13.71 21.70 -12.60
CA PRO B 467 13.33 20.30 -12.36
C PRO B 467 12.88 19.98 -10.96
N THR B 468 13.53 20.58 -9.96
CA THR B 468 13.19 20.32 -8.57
C THR B 468 11.96 21.10 -8.09
N SER B 469 11.38 21.90 -8.98
CA SER B 469 10.17 22.64 -8.64
C SER B 469 9.10 21.66 -8.19
N ARG B 470 8.26 22.09 -7.25
CA ARG B 470 7.21 21.22 -6.75
C ARG B 470 5.86 21.77 -7.19
N ARG B 471 5.90 22.56 -8.25
CA ARG B 471 4.71 23.19 -8.80
C ARG B 471 4.51 22.79 -10.24
N ILE B 472 5.17 21.72 -10.66
CA ILE B 472 5.02 21.28 -12.05
C ILE B 472 3.72 20.48 -12.10
N LEU B 473 2.62 21.19 -12.32
CA LEU B 473 1.32 20.54 -12.29
C LEU B 473 0.47 21.00 -13.47
N LEU B 474 -0.19 20.04 -14.13
CA LEU B 474 -1.05 20.34 -15.26
C LEU B 474 -2.47 20.04 -14.79
N CYS B 475 -3.30 21.07 -14.67
CA CYS B 475 -4.66 20.91 -14.17
C CYS B 475 -5.75 21.15 -15.21
N ALA B 476 -6.71 20.23 -15.29
CA ALA B 476 -7.82 20.34 -16.25
C ALA B 476 -9.14 20.71 -15.59
N TRP B 477 -9.19 20.66 -14.26
CA TRP B 477 -10.42 20.98 -13.55
C TRP B 477 -10.55 22.48 -13.28
N ASN B 478 -11.02 23.20 -14.31
CA ASN B 478 -11.24 24.65 -14.21
C ASN B 478 -12.66 24.84 -13.67
N VAL B 479 -12.74 25.09 -12.37
CA VAL B 479 -14.02 25.27 -11.70
C VAL B 479 -14.96 26.24 -12.42
N LYS B 480 -14.40 27.30 -12.97
CA LYS B 480 -15.20 28.30 -13.65
C LYS B 480 -15.88 27.79 -14.93
N ASP B 481 -15.17 26.94 -15.69
CA ASP B 481 -15.71 26.44 -16.95
C ASP B 481 -16.46 25.10 -16.90
N LEU B 482 -16.53 24.47 -15.73
CA LEU B 482 -17.16 23.17 -15.60
C LEU B 482 -18.51 22.97 -16.29
N ASP B 483 -19.47 23.84 -16.01
CA ASP B 483 -20.79 23.70 -16.62
C ASP B 483 -20.81 23.94 -18.12
N GLN B 484 -19.78 24.59 -18.65
CA GLN B 484 -19.72 24.84 -20.09
C GLN B 484 -19.16 23.61 -20.78
N MET B 485 -18.58 22.70 -19.98
CA MET B 485 -17.99 21.49 -20.53
C MET B 485 -19.05 20.43 -20.80
N ALA B 486 -18.89 19.67 -21.88
CA ALA B 486 -19.84 18.62 -22.21
C ALA B 486 -19.99 17.77 -20.94
N LEU B 487 -18.87 17.50 -20.29
CA LEU B 487 -18.81 16.72 -19.07
C LEU B 487 -17.52 17.12 -18.32
N PRO B 488 -17.58 17.23 -16.99
CA PRO B 488 -16.35 17.62 -16.27
C PRO B 488 -15.28 16.54 -16.42
N PRO B 489 -14.00 16.94 -16.43
CA PRO B 489 -12.91 15.96 -16.59
C PRO B 489 -12.77 14.91 -15.50
N CYS B 490 -12.41 13.69 -15.89
CA CYS B 490 -12.20 12.62 -14.95
C CYS B 490 -10.76 12.68 -14.47
N HIS B 491 -9.87 13.07 -15.37
CA HIS B 491 -8.45 13.21 -15.06
C HIS B 491 -8.21 14.64 -14.60
N ILE B 492 -8.32 14.83 -13.29
CA ILE B 492 -8.18 16.13 -12.70
C ILE B 492 -6.82 16.78 -12.94
N LEU B 493 -5.75 16.03 -12.74
CA LEU B 493 -4.44 16.64 -12.92
C LEU B 493 -3.27 15.69 -13.04
N CYS B 494 -2.16 16.24 -13.52
CA CYS B 494 -0.89 15.54 -13.68
C CYS B 494 0.13 16.33 -12.87
N GLN B 495 0.96 15.64 -12.10
CA GLN B 495 2.03 16.33 -11.39
C GLN B 495 3.28 15.60 -11.81
N PHE B 496 4.36 16.35 -12.03
CA PHE B 496 5.63 15.80 -12.46
C PHE B 496 6.71 15.93 -11.39
N TYR B 497 7.62 14.97 -11.41
CA TYR B 497 8.73 14.90 -10.47
C TYR B 497 9.96 14.57 -11.30
N VAL B 498 11.05 15.28 -11.05
CA VAL B 498 12.28 15.01 -11.80
C VAL B 498 13.45 14.73 -10.87
N PHE B 499 14.11 13.61 -11.09
CA PHE B 499 15.26 13.25 -10.29
C PHE B 499 16.30 12.49 -11.08
N ASP B 500 17.55 12.91 -10.95
CA ASP B 500 18.68 12.28 -11.64
C ASP B 500 18.35 11.97 -13.10
N GLY B 501 17.85 12.99 -13.79
CA GLY B 501 17.52 12.84 -15.21
C GLY B 501 16.37 11.91 -15.54
N LYS B 502 15.49 11.65 -14.57
CA LYS B 502 14.37 10.77 -14.81
C LYS B 502 13.05 11.47 -14.47
N LEU B 503 12.04 11.27 -15.31
CA LEU B 503 10.74 11.90 -15.13
C LEU B 503 9.64 10.96 -14.64
N SER B 504 8.99 11.36 -13.57
CA SER B 504 7.89 10.60 -13.00
C SER B 504 6.63 11.47 -13.06
N CYS B 505 5.47 10.83 -13.11
CA CYS B 505 4.22 11.55 -13.22
C CYS B 505 3.12 10.90 -12.42
N ILE B 506 2.37 11.72 -11.69
CA ILE B 506 1.22 11.24 -10.93
C ILE B 506 0.01 11.85 -11.61
N MET B 507 -1.06 11.07 -11.74
CA MET B 507 -2.28 11.59 -12.32
C MET B 507 -3.41 11.23 -11.38
N TYR B 508 -4.18 12.24 -11.00
CA TYR B 508 -5.30 12.02 -10.10
C TYR B 508 -6.59 11.90 -10.91
N GLN B 509 -7.27 10.77 -10.75
CA GLN B 509 -8.53 10.52 -11.46
C GLN B 509 -9.66 10.53 -10.46
N ARG B 510 -10.65 11.41 -10.65
CA ARG B 510 -11.76 11.50 -9.73
C ARG B 510 -12.79 10.37 -9.84
N SER B 511 -12.97 9.84 -11.04
CA SER B 511 -13.94 8.78 -11.28
C SER B 511 -13.29 7.71 -12.12
N CYS B 512 -13.33 6.47 -11.65
CA CYS B 512 -12.66 5.41 -12.36
C CYS B 512 -13.51 4.18 -12.69
N ASP B 513 -13.78 4.02 -13.99
CA ASP B 513 -14.53 2.87 -14.48
C ASP B 513 -13.45 1.83 -14.59
N LEU B 514 -13.34 0.97 -13.58
CA LEU B 514 -12.28 -0.02 -13.60
C LEU B 514 -12.30 -1.03 -14.72
N GLY B 515 -13.48 -1.48 -15.11
CA GLY B 515 -13.56 -2.47 -16.17
C GLY B 515 -13.23 -1.98 -17.57
N LEU B 516 -13.68 -0.76 -17.89
CA LEU B 516 -13.48 -0.21 -19.22
C LEU B 516 -12.54 1.00 -19.37
N GLY B 517 -12.75 2.04 -18.58
CA GLY B 517 -11.92 3.23 -18.67
C GLY B 517 -10.47 3.13 -18.19
N VAL B 518 -10.31 2.75 -16.93
CA VAL B 518 -8.98 2.66 -16.33
C VAL B 518 -7.94 1.98 -17.22
N PRO B 519 -8.27 0.85 -17.86
CA PRO B 519 -7.25 0.21 -18.72
C PRO B 519 -6.67 1.17 -19.74
N PHE B 520 -7.54 1.96 -20.38
CA PHE B 520 -7.08 2.93 -21.36
C PHE B 520 -6.36 4.10 -20.68
N ASN B 521 -6.92 4.55 -19.57
CA ASN B 521 -6.34 5.66 -18.82
C ASN B 521 -4.88 5.38 -18.46
N ILE B 522 -4.59 4.16 -18.04
CA ILE B 522 -3.21 3.79 -17.72
C ILE B 522 -2.33 3.95 -18.96
N ALA B 523 -2.76 3.38 -20.08
CA ALA B 523 -2.01 3.47 -21.32
C ALA B 523 -1.84 4.92 -21.76
N SER B 524 -2.93 5.67 -21.63
CA SER B 524 -2.96 7.06 -22.01
C SER B 524 -1.88 7.93 -21.34
N TYR B 525 -1.88 7.95 -20.02
CA TYR B 525 -0.91 8.76 -19.30
C TYR B 525 0.50 8.20 -19.26
N SER B 526 0.66 6.91 -19.57
CA SER B 526 1.99 6.33 -19.63
C SER B 526 2.62 6.91 -20.90
N ILE B 527 1.88 6.85 -22.00
CA ILE B 527 2.32 7.37 -23.28
C ILE B 527 2.69 8.85 -23.17
N PHE B 528 1.83 9.61 -22.50
CA PHE B 528 2.05 11.05 -22.30
C PHE B 528 3.34 11.28 -21.50
N THR B 529 3.56 10.47 -20.47
CA THR B 529 4.76 10.62 -19.67
C THR B 529 6.00 10.47 -20.54
N HIS B 530 5.98 9.48 -21.43
CA HIS B 530 7.08 9.24 -22.36
C HIS B 530 7.27 10.49 -23.24
N MET B 531 6.16 11.01 -23.76
CA MET B 531 6.23 12.18 -24.63
C MET B 531 6.85 13.37 -23.92
N ILE B 532 6.35 13.70 -22.73
CA ILE B 532 6.89 14.82 -22.00
C ILE B 532 8.36 14.56 -21.70
N ALA B 533 8.69 13.33 -21.33
CA ALA B 533 10.07 12.98 -20.99
C ALA B 533 11.01 13.18 -22.18
N GLN B 534 10.63 12.66 -23.33
CA GLN B 534 11.49 12.77 -24.50
C GLN B 534 11.76 14.20 -24.96
N VAL B 535 10.77 15.08 -24.92
CA VAL B 535 10.99 16.46 -25.37
C VAL B 535 11.76 17.28 -24.33
N CYS B 536 11.97 16.67 -23.17
CA CYS B 536 12.71 17.31 -22.08
C CYS B 536 14.04 16.59 -21.90
N ASN B 537 14.36 15.69 -22.82
CA ASN B 537 15.61 14.94 -22.77
C ASN B 537 15.82 14.22 -21.44
N LEU B 538 14.75 13.62 -20.94
CA LEU B 538 14.80 12.88 -19.70
C LEU B 538 14.35 11.47 -20.03
N GLN B 539 14.53 10.55 -19.08
CA GLN B 539 14.10 9.18 -19.27
C GLN B 539 12.84 8.97 -18.42
N PRO B 540 11.85 8.24 -18.95
CA PRO B 540 10.66 8.06 -18.12
C PRO B 540 10.98 7.15 -16.94
N ALA B 541 10.36 7.44 -15.81
CA ALA B 541 10.57 6.64 -14.62
C ALA B 541 9.22 5.97 -14.29
N GLN B 542 8.49 6.53 -13.33
CA GLN B 542 7.20 5.97 -12.94
C GLN B 542 5.95 6.76 -13.34
N PHE B 543 4.89 6.03 -13.68
CA PHE B 543 3.61 6.66 -13.95
C PHE B 543 2.86 6.26 -12.69
N ILE B 544 2.35 7.25 -11.97
CA ILE B 544 1.65 6.95 -10.71
C ILE B 544 0.18 7.32 -10.81
N HIS B 545 -0.66 6.31 -10.70
CA HIS B 545 -2.09 6.46 -10.84
C HIS B 545 -2.85 6.50 -9.52
N VAL B 546 -3.47 7.63 -9.23
CA VAL B 546 -4.25 7.78 -8.01
C VAL B 546 -5.73 7.75 -8.39
N LEU B 547 -6.48 6.84 -7.78
CA LEU B 547 -7.91 6.70 -8.06
C LEU B 547 -8.73 7.19 -6.89
N GLY B 548 -9.71 8.05 -7.17
CA GLY B 548 -10.56 8.57 -6.12
C GLY B 548 -11.76 7.63 -6.01
N ASN B 549 -12.84 7.96 -6.69
CA ASN B 549 -14.01 7.09 -6.65
C ASN B 549 -13.78 5.98 -7.66
N ALA B 550 -13.35 4.82 -7.16
CA ALA B 550 -13.05 3.67 -8.00
C ALA B 550 -14.23 2.70 -7.99
N HIS B 551 -14.81 2.46 -9.15
CA HIS B 551 -15.95 1.57 -9.23
C HIS B 551 -15.91 0.52 -10.32
N VAL B 552 -16.69 -0.52 -10.10
CA VAL B 552 -16.82 -1.61 -11.04
C VAL B 552 -18.30 -1.70 -11.33
N TYR B 553 -18.67 -1.50 -12.60
CA TYR B 553 -20.09 -1.60 -12.97
C TYR B 553 -20.49 -3.07 -12.82
N ASN B 554 -21.69 -3.30 -12.32
CA ASN B 554 -22.18 -4.67 -12.12
C ASN B 554 -22.16 -5.53 -13.38
N ASN B 555 -22.41 -4.91 -14.53
CA ASN B 555 -22.43 -5.64 -15.80
C ASN B 555 -21.04 -6.01 -16.30
N HIS B 556 -20.02 -5.70 -15.53
CA HIS B 556 -18.65 -6.03 -15.90
C HIS B 556 -18.15 -7.19 -15.03
N ILE B 557 -18.87 -7.47 -13.96
CA ILE B 557 -18.48 -8.51 -13.01
C ILE B 557 -18.12 -9.86 -13.62
N ASP B 558 -19.04 -10.44 -14.39
CA ASP B 558 -18.76 -11.73 -14.99
C ASP B 558 -17.53 -11.66 -15.88
N SER B 559 -17.40 -10.57 -16.64
CA SER B 559 -16.25 -10.41 -17.51
C SER B 559 -14.96 -10.26 -16.71
N LEU B 560 -15.00 -9.47 -15.66
CA LEU B 560 -13.81 -9.28 -14.83
C LEU B 560 -13.45 -10.57 -14.12
N LYS B 561 -14.47 -11.36 -13.74
CA LYS B 561 -14.25 -12.64 -13.08
C LYS B 561 -13.40 -13.53 -13.99
N ILE B 562 -13.69 -13.48 -15.29
CA ILE B 562 -12.96 -14.26 -16.28
C ILE B 562 -11.55 -13.70 -16.44
N GLN B 563 -11.45 -12.37 -16.47
CA GLN B 563 -10.14 -11.73 -16.64
C GLN B 563 -9.25 -11.99 -15.42
N LEU B 564 -9.84 -11.95 -14.23
CA LEU B 564 -9.09 -12.17 -13.00
C LEU B 564 -8.37 -13.51 -12.92
N ASN B 565 -8.90 -14.51 -13.63
CA ASN B 565 -8.30 -15.83 -13.63
C ASN B 565 -7.29 -16.05 -14.74
N ARG B 566 -6.94 -14.98 -15.46
CA ARG B 566 -5.97 -15.09 -16.53
C ARG B 566 -4.63 -14.61 -16.02
N ILE B 567 -3.58 -15.34 -16.37
CA ILE B 567 -2.24 -14.98 -15.94
C ILE B 567 -1.59 -14.03 -16.92
N PRO B 568 -1.16 -12.86 -16.43
CA PRO B 568 -0.52 -11.85 -17.28
C PRO B 568 0.68 -12.36 -18.05
N TYR B 569 0.99 -11.69 -19.15
CA TYR B 569 2.13 -12.02 -19.98
C TYR B 569 3.12 -10.88 -19.76
N PRO B 570 4.40 -11.09 -20.12
CA PRO B 570 5.36 -10.00 -19.94
C PRO B 570 4.88 -8.80 -20.75
N PHE B 571 4.85 -7.62 -20.14
CA PHE B 571 4.39 -6.41 -20.82
C PHE B 571 5.14 -6.13 -22.12
N PRO B 572 4.53 -5.30 -22.99
CA PRO B 572 5.13 -4.91 -24.26
C PRO B 572 5.98 -3.66 -23.98
N THR B 573 6.45 -2.99 -25.01
CA THR B 573 7.23 -1.77 -24.81
C THR B 573 6.77 -0.72 -25.80
N LEU B 574 6.97 0.54 -25.44
CA LEU B 574 6.59 1.65 -26.29
C LEU B 574 7.82 2.29 -26.93
N LYS B 575 7.76 2.49 -28.23
CA LYS B 575 8.86 3.09 -28.96
C LYS B 575 8.37 4.39 -29.62
N LEU B 576 9.07 5.48 -29.37
CA LEU B 576 8.71 6.76 -29.95
C LEU B 576 9.75 7.17 -30.98
N ASN B 577 9.31 7.89 -32.01
CA ASN B 577 10.22 8.42 -33.02
C ASN B 577 11.22 9.28 -32.23
N PRO B 578 12.49 8.88 -32.17
CA PRO B 578 13.53 9.61 -31.43
C PRO B 578 13.77 11.08 -31.81
N ASP B 579 13.47 11.43 -33.06
CA ASP B 579 13.70 12.79 -33.54
C ASP B 579 12.70 13.85 -33.06
N ILE B 580 11.53 13.43 -32.59
CA ILE B 580 10.55 14.41 -32.16
C ILE B 580 10.95 15.04 -30.83
N LYS B 581 11.30 16.31 -30.86
CA LYS B 581 11.71 17.00 -29.65
C LYS B 581 10.80 18.15 -29.23
N ASN B 582 9.65 18.29 -29.88
CA ASN B 582 8.69 19.33 -29.50
C ASN B 582 7.39 18.60 -29.20
N ILE B 583 6.77 18.92 -28.07
CA ILE B 583 5.54 18.25 -27.69
C ILE B 583 4.44 18.35 -28.75
N GLU B 584 4.51 19.39 -29.56
CA GLU B 584 3.50 19.62 -30.58
C GLU B 584 3.80 18.94 -31.92
N ASP B 585 4.99 18.35 -32.07
CA ASP B 585 5.34 17.71 -33.34
C ASP B 585 5.01 16.23 -33.52
N PHE B 586 4.46 15.58 -32.51
CA PHE B 586 4.11 14.16 -32.64
C PHE B 586 2.95 13.90 -33.60
N THR B 587 3.04 12.81 -34.34
CA THR B 587 2.00 12.41 -35.27
C THR B 587 1.76 10.91 -34.99
N ILE B 588 0.61 10.40 -35.41
CA ILE B 588 0.27 9.01 -35.16
C ILE B 588 1.35 7.99 -35.54
N SER B 589 2.08 8.22 -36.63
CA SER B 589 3.10 7.26 -37.02
C SER B 589 4.34 7.27 -36.14
N ASP B 590 4.39 8.20 -35.18
CA ASP B 590 5.55 8.29 -34.29
C ASP B 590 5.45 7.33 -33.09
N PHE B 591 4.36 6.58 -33.01
CA PHE B 591 4.15 5.67 -31.89
C PHE B 591 4.08 4.22 -32.34
N THR B 592 4.85 3.36 -31.69
CA THR B 592 4.87 1.94 -32.02
C THR B 592 4.88 1.09 -30.76
N ILE B 593 3.96 0.14 -30.69
CA ILE B 593 3.87 -0.78 -29.57
C ILE B 593 4.56 -2.06 -30.02
N GLN B 594 5.55 -2.50 -29.25
CA GLN B 594 6.29 -3.70 -29.61
C GLN B 594 6.10 -4.88 -28.67
N ASN B 595 6.05 -6.06 -29.28
CA ASN B 595 5.91 -7.32 -28.54
C ASN B 595 4.72 -7.36 -27.59
N TYR B 596 3.55 -7.01 -28.10
CA TYR B 596 2.35 -7.04 -27.27
C TYR B 596 1.69 -8.41 -27.31
N VAL B 597 1.94 -9.21 -26.28
CA VAL B 597 1.36 -10.55 -26.15
C VAL B 597 0.18 -10.40 -25.20
N HIS B 598 -0.99 -10.86 -25.62
CA HIS B 598 -2.18 -10.71 -24.79
C HIS B 598 -3.17 -11.87 -24.92
N HIS B 599 -4.10 -11.92 -23.96
CA HIS B 599 -5.16 -12.91 -23.95
C HIS B 599 -6.18 -12.31 -24.88
N GLU B 600 -7.14 -13.09 -25.36
CA GLU B 600 -8.10 -12.53 -26.30
C GLU B 600 -9.01 -11.47 -25.72
N LYS B 601 -9.54 -10.65 -26.62
CA LYS B 601 -10.44 -9.55 -26.27
C LYS B 601 -11.60 -10.06 -25.41
N ILE B 602 -12.09 -9.19 -24.54
CA ILE B 602 -13.20 -9.54 -23.67
C ILE B 602 -14.25 -8.45 -23.75
N SER B 603 -15.52 -8.85 -23.81
CA SER B 603 -16.59 -7.87 -23.85
C SER B 603 -16.98 -7.65 -22.39
N MET B 604 -16.63 -6.48 -21.85
CA MET B 604 -16.93 -6.18 -20.47
C MET B 604 -18.42 -6.37 -20.25
N ASP B 605 -19.21 -5.85 -21.18
CA ASP B 605 -20.66 -5.98 -21.12
C ASP B 605 -21.05 -7.27 -21.85
N MET B 606 -21.03 -8.38 -21.11
CA MET B 606 -21.39 -9.68 -21.66
C MET B 606 -22.76 -9.61 -22.32
N ALA B 607 -23.59 -8.68 -21.83
CA ALA B 607 -24.94 -8.49 -22.36
C ALA B 607 -24.97 -8.16 -23.85
N ALA B 608 -23.79 -7.98 -24.45
CA ALA B 608 -23.69 -7.67 -25.87
C ALA B 608 -24.66 -6.56 -26.27
N1 CP6 C . -7.68 -7.32 31.07
C2 CP6 C . -8.36 -6.65 30.05
C3 CP6 C . -8.35 -7.74 32.21
C4 CP6 C . -9.84 -7.52 32.39
C5 CP6 C . -10.48 -6.77 31.20
N6 CP6 C . -9.75 -6.37 30.10
C7 CP6 C . -10.62 -7.94 33.53
C8 CP6 C . -11.08 -7.04 34.56
C9 CP6 C . -11.87 -7.50 35.66
C10 CP6 C . -12.25 -8.94 35.73
C11 CP6 C . -11.83 -9.87 34.74
C12 CP6 C . -11.02 -9.38 33.64
N13 CP6 C . -7.68 -8.39 33.19
N14 CP6 C . -7.64 -6.24 28.93
C15 CP6 C . -11.97 -6.47 31.22
C16 CP6 C . -12.89 -7.34 30.38
CL1 CP6 C . -13.18 -9.32 37.03
PA NDP D . -7.10 -8.72 44.05
O1A NDP D . -5.76 -8.58 43.48
O2A NDP D . -8.05 -9.10 43.02
O5B NDP D . -7.23 -9.82 45.17
C5B NDP D . -6.36 -9.66 46.33
C4B NDP D . -6.72 -10.87 47.19
O4B NDP D . -6.53 -12.14 46.52
C3B NDP D . -6.02 -11.12 48.56
O3B NDP D . -6.66 -10.31 49.61
C2B NDP D . -6.16 -12.64 48.73
O2B NDP D . -7.58 -12.64 49.03
C1B NDP D . -5.87 -13.12 47.33
N9A NDP D . -4.44 -13.19 46.98
C8A NDP D . -3.62 -12.42 46.20
N7A NDP D . -2.33 -12.93 46.21
C5A NDP D . -2.38 -14.02 46.99
C6A NDP D . -1.43 -14.95 47.36
N6A NDP D . -0.16 -14.86 46.93
N1A NDP D . -1.79 -15.97 48.17
C2A NDP D . -3.05 -16.13 48.65
N3A NDP D . -4.00 -15.25 48.30
C4A NDP D . -3.67 -14.19 47.47
O3 NDP D . -7.60 -7.39 44.77
PN NDP D . -7.27 -5.88 44.35
O1N NDP D . -5.81 -5.71 44.37
O2N NDP D . -7.90 -5.00 45.38
O5D NDP D . -7.84 -5.61 42.87
C5D NDP D . -9.32 -5.72 42.68
C4D NDP D . -9.80 -4.37 42.02
O4D NDP D . -9.15 -4.11 40.76
C3D NDP D . -11.30 -4.27 41.73
O3D NDP D . -11.69 -2.88 41.81
C2D NDP D . -11.45 -4.74 40.27
O2D NDP D . -12.59 -4.15 39.63
C1D NDP D . -10.12 -4.27 39.68
N1N NDP D . -9.49 -5.16 38.66
C2N NDP D . -9.01 -4.40 37.43
C3N NDP D . -8.40 -5.09 36.41
C7N NDP D . -7.92 -4.33 35.16
O7N NDP D . -7.36 -4.92 34.21
N7N NDP D . -8.09 -3.03 35.09
C4N NDP D . -8.25 -6.59 36.58
C5N NDP D . -8.74 -7.31 37.80
C6N NDP D . -9.33 -6.63 38.79
P2B NDP D . -8.00 -13.11 50.46
O1X NDP D . -6.89 -13.66 51.30
O2X NDP D . -8.55 -11.87 51.09
O3X NDP D . -9.16 -14.10 50.36
N1 UMP E . 3.89 23.03 3.17
C2 UMP E . 3.27 21.88 3.78
N3 UMP E . 1.92 22.09 4.12
C4 UMP E . 1.17 23.28 3.92
C5 UMP E . 1.90 24.39 3.29
C6 UMP E . 3.24 24.20 2.94
O2 UMP E . 3.81 20.80 4.00
O4 UMP E . 0.00 23.39 4.25
C1' UMP E . 5.32 23.04 2.72
C2' UMP E . 5.76 22.23 1.49
C3' UMP E . 7.02 22.94 1.00
C4' UMP E . 6.85 24.44 1.25
O3' UMP E . 8.11 22.48 1.82
O4' UMP E . 5.87 24.40 2.37
C5' UMP E . 6.19 25.16 0.07
O5' UMP E . 7.09 25.11 -1.08
P UMP E . 6.57 24.98 -2.56
OP1 UMP E . 7.62 25.27 -3.49
OP2 UMP E . 6.14 23.58 -2.70
OP3 UMP E . 5.49 25.90 -2.81
N1 CP6 F . 17.63 -21.76 -17.86
C2 CP6 F . 17.60 -20.36 -17.72
C3 CP6 F . 18.70 -22.38 -18.52
C4 CP6 F . 19.87 -21.57 -19.09
C5 CP6 F . 19.71 -20.04 -18.85
N6 CP6 F . 18.62 -19.51 -18.20
C7 CP6 F . 21.02 -22.17 -19.78
C8 CP6 F . 21.22 -22.12 -21.22
C9 CP6 F . 22.37 -22.72 -21.86
C10 CP6 F . 23.40 -23.43 -21.03
C11 CP6 F . 23.26 -23.51 -19.62
C12 CP6 F . 22.09 -22.89 -18.99
N13 CP6 F . 18.73 -23.73 -18.64
N14 CP6 F . 16.52 -19.77 -17.06
C15 CP6 F . 20.78 -19.07 -19.35
C16 CP6 F . 21.68 -18.37 -18.35
CL1 CP6 F . 24.68 -24.07 -21.89
PA NDP G . 21.04 -31.60 -25.69
O1A NDP G . 19.70 -31.87 -25.14
O2A NDP G . 21.72 -30.63 -24.86
O5B NDP G . 21.91 -32.90 -25.75
C5B NDP G . 21.38 -33.99 -26.55
C4B NDP G . 22.44 -35.09 -26.43
O4B NDP G . 22.81 -35.43 -25.06
C3B NDP G . 22.20 -36.48 -27.08
O3B NDP G . 22.50 -36.49 -28.51
C2B NDP G . 23.11 -37.35 -26.24
O2B NDP G . 24.41 -36.89 -26.67
C1B NDP G . 22.82 -36.84 -24.83
N9A NDP G . 21.55 -37.27 -24.20
C8A NDP G . 20.39 -36.58 -23.91
N7A NDP G . 19.46 -37.40 -23.31
C5A NDP G . 20.04 -38.60 -23.21
C6A NDP G . 19.63 -39.81 -22.72
N6A NDP G . 18.41 -39.96 -22.18
N1A NDP G . 20.47 -40.86 -22.78
C2A NDP G . 21.71 -40.81 -23.30
N3A NDP G . 22.16 -39.65 -23.79
C4A NDP G . 21.34 -38.53 -23.77
O3 NDP G . 21.01 -31.00 -27.17
PN NDP G . 19.78 -30.17 -27.78
O1N NDP G . 18.55 -30.88 -27.43
O2N NDP G . 19.92 -30.13 -29.28
O5D NDP G . 19.75 -28.68 -27.17
C5D NDP G . 20.96 -27.86 -27.47
C4D NDP G . 20.53 -26.46 -28.06
O4D NDP G . 19.55 -25.80 -27.23
C3D NDP G . 21.70 -25.47 -28.19
O3D NDP G . 21.48 -24.73 -29.43
C2D NDP G . 21.60 -24.55 -26.96
O2D NDP G . 22.02 -23.19 -27.21
C1D NDP G . 20.13 -24.64 -26.55
N1N NDP G . 19.86 -24.79 -25.06
C2N NDP G . 18.81 -23.85 -24.47
C3N NDP G . 18.50 -23.93 -23.13
C7N NDP G . 17.45 -23.00 -22.49
O7N NDP G . 17.17 -23.08 -21.27
N7N NDP G . 16.82 -22.11 -23.23
C4N NDP G . 19.23 -24.96 -22.30
C5N NDP G . 20.27 -25.88 -22.90
C6N NDP G . 20.56 -25.79 -24.21
P2B NDP G . 25.46 -37.92 -27.24
O1X NDP G . 24.94 -39.35 -27.24
O2X NDP G . 25.80 -37.51 -28.66
O3X NDP G . 26.73 -37.81 -26.42
N1 UMP H . -14.29 7.41 -17.14
C2 UMP H . -13.05 6.80 -16.82
N3 UMP H . -11.95 7.29 -17.58
C4 UMP H . -12.03 8.29 -18.58
C5 UMP H . -13.35 8.86 -18.84
C6 UMP H . -14.43 8.37 -18.10
O2 UMP H . -12.87 5.92 -15.97
O4 UMP H . -11.05 8.66 -19.21
C1' UMP H . -15.58 7.03 -16.48
C2' UMP H . -15.81 7.31 -15.00
C3' UMP H . -17.35 7.27 -14.85
C4' UMP H . -17.95 7.90 -16.14
O3' UMP H . -17.73 5.86 -14.80
O4' UMP H . -16.83 7.64 -17.08
C5' UMP H . -18.11 9.42 -16.04
O5' UMP H . -19.19 9.74 -15.10
P UMP H . -19.02 10.74 -13.91
OP1 UMP H . -20.25 10.88 -13.18
OP2 UMP H . -17.96 10.17 -13.07
OP3 UMP H . -18.66 12.07 -14.40
#